data_3HPV
#
_entry.id   3HPV
#
_cell.length_a   94.900
_cell.length_b   97.000
_cell.length_c   133.400
_cell.angle_alpha   90.00
_cell.angle_beta   90.00
_cell.angle_gamma   90.00
#
_symmetry.space_group_name_H-M   'P 21 21 21'
#
loop_
_entity.id
_entity.type
_entity.pdbx_description
1 polymer 'Catechol 2,3-dioxygenase'
2 non-polymer 'FE (II) ION'
3 water water
#
_entity_poly.entity_id   1
_entity_poly.type   'polypeptide(L)'
_entity_poly.pdbx_seq_one_letter_code
;MAMTGVLRPGHAQVRVLNLEEGIHFYRNVLGLVETGRDDQGRVYFKCWDERDHSCYIIREADTAGIDFFGFKVLDKATLE
KLDADLQAYGLTTTRIPAGEMLETGERVRFELPSGHLIELYAEKTCVGNGISEVNPAPWNAQREHGIAPIQLDHCLLYGP
NIAEVQKIFTEVLGFYLVERVLSPDGDSDMGIWLSCSHKVHDIAFVEYPEKGKLHHCSFLLESWEQVLRAGDIMSMNEVN
VDIGPTRHGVTRGCTIYAWDPSGNRFETFMGGYHPYPDYEPLSWTYDNFAQGLDYPQRKLHETFMTVVT
;
_entity_poly.pdbx_strand_id   A,B,C,D
#
loop_
_chem_comp.id
_chem_comp.type
_chem_comp.name
_chem_comp.formula
FE2 non-polymer 'FE (II) ION' 'Fe 2'
#
# COMPACT_ATOMS: atom_id res chain seq x y z
N ALA A 2 30.01 -9.42 1.91
CA ALA A 2 30.09 -9.61 3.39
C ALA A 2 30.00 -8.26 4.05
N MET A 3 29.25 -8.18 5.15
CA MET A 3 29.15 -6.93 5.92
C MET A 3 30.29 -7.01 6.93
N THR A 4 31.24 -6.08 6.84
CA THR A 4 32.37 -6.11 7.74
C THR A 4 32.63 -4.76 8.40
N GLY A 5 33.63 -4.70 9.27
CA GLY A 5 33.97 -3.46 9.94
C GLY A 5 32.81 -2.85 10.72
N VAL A 6 32.39 -1.66 10.31
CA VAL A 6 31.28 -0.99 10.95
C VAL A 6 30.04 -1.57 10.31
N LEU A 7 29.14 -2.10 11.13
CA LEU A 7 27.93 -2.74 10.64
C LEU A 7 26.68 -1.88 10.46
N ARG A 8 26.30 -1.15 11.50
CA ARG A 8 25.02 -0.42 11.46
C ARG A 8 24.87 0.54 12.63
N PRO A 9 23.81 1.38 12.61
CA PRO A 9 23.58 2.29 13.73
C PRO A 9 23.23 1.34 14.89
N GLY A 10 23.80 1.58 16.07
CA GLY A 10 23.56 0.70 17.20
C GLY A 10 22.77 1.33 18.31
N HIS A 11 22.96 2.63 18.53
CA HIS A 11 22.16 3.31 19.52
C HIS A 11 22.41 4.79 19.51
N ALA A 12 21.42 5.51 20.00
CA ALA A 12 21.51 6.95 20.12
C ALA A 12 21.04 7.23 21.57
N GLN A 13 21.75 8.10 22.28
CA GLN A 13 21.32 8.45 23.63
C GLN A 13 20.88 9.87 23.48
N VAL A 14 19.59 10.09 23.75
CA VAL A 14 18.97 11.39 23.60
C VAL A 14 18.54 11.96 24.94
N ARG A 15 18.58 13.29 25.03
CA ARG A 15 18.25 13.99 26.25
C ARG A 15 16.80 14.46 26.33
N VAL A 16 16.06 14.00 27.34
CA VAL A 16 14.68 14.44 27.50
C VAL A 16 14.55 15.35 28.72
N LEU A 17 13.77 16.42 28.55
CA LEU A 17 13.50 17.39 29.60
C LEU A 17 12.70 16.80 30.75
N ASN A 18 12.01 15.69 30.50
CA ASN A 18 11.21 15.05 31.53
C ASN A 18 11.11 13.57 31.29
N LEU A 19 11.85 12.81 32.11
CA LEU A 19 11.93 11.36 32.02
C LEU A 19 10.61 10.57 32.00
N GLU A 20 9.63 10.98 32.80
CA GLU A 20 8.37 10.24 32.83
C GLU A 20 7.55 10.38 31.53
N GLU A 21 7.32 11.59 31.10
CA GLU A 21 6.57 11.79 29.87
C GLU A 21 7.43 11.26 28.71
N GLY A 22 8.73 11.10 28.97
CA GLY A 22 9.63 10.61 27.95
C GLY A 22 9.44 9.12 27.69
N ILE A 23 9.13 8.38 28.74
CA ILE A 23 8.95 6.95 28.62
C ILE A 23 7.61 6.61 27.98
N HIS A 24 6.56 7.38 28.29
CA HIS A 24 5.23 7.14 27.74
C HIS A 24 5.15 7.36 26.24
N PHE A 25 5.71 8.48 25.79
CA PHE A 25 5.70 8.80 24.38
C PHE A 25 6.41 7.74 23.57
N TYR A 26 7.65 7.44 23.94
CA TYR A 26 8.43 6.46 23.20
C TYR A 26 7.89 5.04 23.18
N ARG A 27 7.30 4.61 24.29
CA ARG A 27 6.80 3.25 24.33
C ARG A 27 5.37 3.12 23.87
N ASN A 28 4.59 4.19 24.03
CA ASN A 28 3.17 4.19 23.66
C ASN A 28 2.81 4.85 22.36
N VAL A 29 3.57 5.86 21.98
CA VAL A 29 3.30 6.55 20.75
C VAL A 29 4.29 6.03 19.69
N LEU A 30 5.60 6.20 19.91
CA LEU A 30 6.57 5.71 18.93
C LEU A 30 6.53 4.20 18.78
N GLY A 31 6.22 3.50 19.86
CA GLY A 31 6.13 2.06 19.76
C GLY A 31 7.39 1.28 20.05
N LEU A 32 8.41 1.95 20.58
CA LEU A 32 9.66 1.24 20.91
C LEU A 32 9.41 0.31 22.10
N VAL A 33 10.22 -0.75 22.20
CA VAL A 33 10.11 -1.74 23.28
C VAL A 33 11.03 -1.44 24.46
N GLU A 34 10.48 -1.16 25.64
CA GLU A 34 11.34 -0.90 26.80
C GLU A 34 12.04 -2.19 27.20
N THR A 35 13.36 -2.15 27.35
CA THR A 35 14.14 -3.34 27.70
C THR A 35 14.93 -3.30 29.01
N GLY A 36 15.04 -2.12 29.62
CA GLY A 36 15.76 -2.01 30.87
C GLY A 36 15.92 -0.58 31.35
N ARG A 37 16.23 -0.44 32.64
CA ARG A 37 16.43 0.85 33.28
C ARG A 37 17.63 0.76 34.24
N ASP A 38 18.58 1.67 34.13
CA ASP A 38 19.74 1.56 35.00
C ASP A 38 19.79 2.51 36.22
N ASP A 39 20.92 2.43 36.93
CA ASP A 39 21.17 3.20 38.14
C ASP A 39 21.19 4.70 37.90
N GLN A 40 21.78 5.13 36.78
CA GLN A 40 21.83 6.55 36.43
C GLN A 40 20.43 7.04 36.06
N GLY A 41 19.49 6.10 36.00
CA GLY A 41 18.13 6.45 35.66
C GLY A 41 17.87 6.58 34.17
N ARG A 42 18.71 5.94 33.37
CA ARG A 42 18.52 5.96 31.93
C ARG A 42 17.54 4.82 31.66
N VAL A 43 16.65 5.02 30.68
CA VAL A 43 15.67 4.01 30.30
C VAL A 43 15.99 3.64 28.84
N TYR A 44 16.15 2.34 28.60
CA TYR A 44 16.53 1.77 27.30
C TYR A 44 15.40 1.15 26.49
N PHE A 45 15.49 1.32 25.17
CA PHE A 45 14.50 0.78 24.23
C PHE A 45 15.14 0.18 22.98
N LYS A 46 14.33 -0.55 22.23
CA LYS A 46 14.78 -1.12 20.99
C LYS A 46 13.54 -1.26 20.10
N CYS A 47 13.73 -1.23 18.79
CA CYS A 47 12.61 -1.40 17.87
C CYS A 47 12.21 -2.85 18.10
N TRP A 48 10.93 -3.19 17.90
CA TRP A 48 10.49 -4.57 18.15
C TRP A 48 11.21 -5.58 17.29
N ASP A 49 11.48 -5.23 16.04
CA ASP A 49 12.10 -6.20 15.17
C ASP A 49 13.62 -6.32 15.31
N GLU A 50 14.26 -5.42 16.06
CA GLU A 50 15.70 -5.51 16.21
C GLU A 50 16.02 -6.73 17.10
N ARG A 51 17.29 -7.09 17.22
CA ARG A 51 17.63 -8.22 18.07
C ARG A 51 18.42 -7.86 19.32
N ASP A 52 19.11 -6.72 19.28
CA ASP A 52 19.91 -6.30 20.42
C ASP A 52 19.14 -5.54 21.49
N HIS A 53 19.64 -5.64 22.71
CA HIS A 53 19.03 -5.03 23.88
C HIS A 53 18.49 -3.62 23.67
N SER A 54 19.25 -2.75 23.02
CA SER A 54 18.79 -1.38 22.81
C SER A 54 19.35 -0.63 21.60
N CYS A 55 18.58 0.36 21.15
CA CYS A 55 18.98 1.20 20.03
C CYS A 55 18.68 2.63 20.39
N TYR A 56 17.85 2.85 21.41
CA TYR A 56 17.51 4.23 21.81
C TYR A 56 17.44 4.36 23.33
N ILE A 57 18.33 5.19 23.89
CA ILE A 57 18.38 5.41 25.34
C ILE A 57 18.08 6.87 25.64
N ILE A 58 17.19 7.06 26.62
CA ILE A 58 16.70 8.36 27.06
C ILE A 58 17.24 8.78 28.43
N ARG A 59 17.79 9.99 28.52
CA ARG A 59 18.33 10.49 29.78
C ARG A 59 17.78 11.86 30.16
N GLU A 60 17.28 11.99 31.38
CA GLU A 60 16.73 13.27 31.81
C GLU A 60 17.81 14.36 31.89
N ALA A 61 17.45 15.57 31.50
CA ALA A 61 18.42 16.65 31.55
C ALA A 61 17.79 18.05 31.38
N ASP A 62 18.65 19.05 31.45
CA ASP A 62 18.25 20.45 31.33
C ASP A 62 18.20 20.88 29.89
N THR A 63 18.86 20.10 29.03
CA THR A 63 18.93 20.37 27.60
C THR A 63 18.52 19.19 26.72
N ALA A 64 17.82 19.47 25.63
CA ALA A 64 17.40 18.41 24.73
C ALA A 64 18.57 18.22 23.79
N GLY A 65 18.54 17.13 23.03
CA GLY A 65 19.62 16.86 22.12
C GLY A 65 20.19 15.46 22.28
N ILE A 66 21.24 15.18 21.52
CA ILE A 66 21.85 13.87 21.57
C ILE A 66 23.16 13.83 22.35
N ASP A 67 23.24 12.93 23.31
CA ASP A 67 24.45 12.79 24.09
C ASP A 67 25.48 12.12 23.18
N PHE A 68 25.08 11.04 22.51
CA PHE A 68 25.97 10.36 21.59
C PHE A 68 25.28 9.38 20.68
N PHE A 69 26.00 8.96 19.65
CA PHE A 69 25.46 8.04 18.65
C PHE A 69 26.46 6.93 18.34
N GLY A 70 26.04 5.69 18.57
CA GLY A 70 26.94 4.57 18.35
C GLY A 70 26.60 3.55 17.30
N PHE A 71 27.66 2.98 16.73
CA PHE A 71 27.60 1.96 15.70
C PHE A 71 28.09 0.63 16.27
N LYS A 72 27.54 -0.49 15.80
CA LYS A 72 27.96 -1.79 16.26
C LYS A 72 28.95 -2.21 15.20
N VAL A 73 30.05 -2.82 15.63
CA VAL A 73 31.09 -3.28 14.72
C VAL A 73 31.11 -4.80 14.77
N LEU A 74 31.56 -5.40 13.67
CA LEU A 74 31.60 -6.86 13.52
C LEU A 74 32.02 -7.75 14.69
N ASP A 75 33.11 -7.36 15.36
CA ASP A 75 33.70 -8.14 16.44
C ASP A 75 34.76 -7.38 17.22
N LYS A 76 35.17 -7.97 18.34
CA LYS A 76 36.18 -7.41 19.22
C LYS A 76 37.45 -7.00 18.48
N ALA A 77 37.92 -7.85 17.57
CA ALA A 77 39.11 -7.55 16.79
C ALA A 77 38.93 -6.33 15.89
N THR A 78 37.76 -6.22 15.26
CA THR A 78 37.48 -5.08 14.39
C THR A 78 37.45 -3.80 15.23
N LEU A 79 36.95 -3.94 16.46
CA LEU A 79 36.86 -2.80 17.36
C LEU A 79 38.23 -2.27 17.76
N GLU A 80 39.15 -3.14 18.19
CA GLU A 80 40.49 -2.68 18.59
C GLU A 80 41.19 -2.08 17.38
N LYS A 81 40.91 -2.62 16.20
CA LYS A 81 41.55 -2.13 15.00
C LYS A 81 41.04 -0.73 14.67
N LEU A 82 39.73 -0.54 14.71
CA LEU A 82 39.14 0.77 14.44
C LEU A 82 39.66 1.78 15.46
N ASP A 83 39.71 1.38 16.72
CA ASP A 83 40.22 2.28 17.76
C ASP A 83 41.64 2.74 17.35
N ALA A 84 42.46 1.77 16.96
CA ALA A 84 43.82 2.03 16.54
C ALA A 84 43.87 2.98 15.36
N ASP A 85 43.07 2.72 14.32
CA ASP A 85 43.10 3.60 13.14
C ASP A 85 42.60 5.02 13.39
N LEU A 86 41.68 5.17 14.34
CA LEU A 86 41.18 6.49 14.67
C LEU A 86 42.30 7.27 15.36
N GLN A 87 43.16 6.56 16.09
CA GLN A 87 44.28 7.19 16.78
C GLN A 87 45.24 7.66 15.71
N ALA A 88 45.69 6.73 14.89
CA ALA A 88 46.60 6.97 13.78
C ALA A 88 46.16 8.11 12.85
N TYR A 89 44.85 8.29 12.67
CA TYR A 89 44.37 9.38 11.82
C TYR A 89 44.52 10.71 12.55
N GLY A 90 44.46 10.67 13.89
CA GLY A 90 44.63 11.90 14.65
C GLY A 90 43.58 12.20 15.72
N LEU A 91 42.54 11.39 15.76
CA LEU A 91 41.47 11.63 16.73
C LEU A 91 41.84 11.03 18.06
N THR A 92 41.44 11.68 19.14
CA THR A 92 41.74 11.11 20.44
C THR A 92 40.57 10.18 20.73
N THR A 93 40.86 9.08 21.40
CA THR A 93 39.88 8.06 21.71
C THR A 93 39.63 7.91 23.21
N THR A 94 38.38 7.68 23.58
CA THR A 94 38.04 7.46 24.99
C THR A 94 37.53 6.05 25.04
N ARG A 95 37.81 5.35 26.13
CA ARG A 95 37.35 3.98 26.24
C ARG A 95 36.36 3.83 27.38
N ILE A 96 35.09 3.54 27.06
CA ILE A 96 34.04 3.38 28.06
C ILE A 96 34.03 1.91 28.51
N PRO A 97 34.13 1.66 29.82
CA PRO A 97 34.13 0.27 30.27
C PRO A 97 32.81 -0.47 30.09
N ALA A 98 32.94 -1.77 29.82
CA ALA A 98 31.80 -2.67 29.64
C ALA A 98 30.90 -2.58 30.86
N GLY A 99 29.60 -2.73 30.65
CA GLY A 99 28.67 -2.65 31.76
C GLY A 99 28.26 -1.21 32.09
N GLU A 100 29.05 -0.23 31.65
CA GLU A 100 28.72 1.17 31.91
C GLU A 100 27.30 1.44 31.33
N MET A 101 26.95 0.67 30.32
CA MET A 101 25.63 0.75 29.70
C MET A 101 25.07 -0.65 29.89
N LEU A 102 23.81 -0.75 30.28
CA LEU A 102 23.23 -2.07 30.47
C LEU A 102 23.49 -2.96 29.26
N GLU A 103 23.88 -4.20 29.56
CA GLU A 103 24.11 -5.23 28.55
C GLU A 103 25.09 -4.92 27.42
N THR A 104 25.92 -3.89 27.59
CA THR A 104 26.84 -3.52 26.51
C THR A 104 28.31 -3.71 26.85
N GLY A 105 29.10 -4.10 25.85
CA GLY A 105 30.51 -4.30 26.05
C GLY A 105 31.15 -2.93 26.14
N GLU A 106 32.46 -2.85 26.04
CA GLU A 106 33.13 -1.55 26.09
C GLU A 106 32.95 -0.88 24.74
N ARG A 107 33.04 0.44 24.71
CA ARG A 107 32.91 1.15 23.44
C ARG A 107 34.02 2.17 23.31
N VAL A 108 34.35 2.48 22.07
CA VAL A 108 35.36 3.47 21.73
C VAL A 108 34.62 4.76 21.38
N ARG A 109 34.86 5.81 22.16
CA ARG A 109 34.20 7.09 21.92
C ARG A 109 35.18 8.10 21.36
N PHE A 110 34.65 9.11 20.71
CA PHE A 110 35.49 10.17 20.15
C PHE A 110 34.62 11.27 19.58
N GLU A 111 35.16 12.48 19.58
CA GLU A 111 34.45 13.65 19.09
C GLU A 111 34.83 13.98 17.65
N LEU A 112 33.84 14.35 16.85
CA LEU A 112 34.08 14.68 15.46
C LEU A 112 34.40 16.15 15.36
N PRO A 113 34.87 16.62 14.19
CA PRO A 113 35.17 18.04 14.10
C PRO A 113 33.87 18.84 14.19
N SER A 114 32.74 18.18 13.96
CA SER A 114 31.45 18.86 14.02
C SER A 114 30.92 18.93 15.43
N GLY A 115 31.63 18.30 16.37
CA GLY A 115 31.22 18.37 17.76
C GLY A 115 30.45 17.20 18.35
N HIS A 116 29.89 16.34 17.49
CA HIS A 116 29.14 15.21 18.00
C HIS A 116 30.04 14.07 18.43
N LEU A 117 29.63 13.40 19.50
CA LEU A 117 30.36 12.24 20.02
C LEU A 117 29.83 10.97 19.35
N ILE A 118 30.74 10.18 18.76
CA ILE A 118 30.38 8.92 18.11
C ILE A 118 31.05 7.80 18.89
N GLU A 119 30.41 6.63 18.91
CA GLU A 119 30.90 5.47 19.63
C GLU A 119 30.85 4.23 18.78
N LEU A 120 31.75 3.31 19.08
CA LEU A 120 31.85 2.03 18.39
C LEU A 120 31.89 0.93 19.45
N TYR A 121 31.09 -0.12 19.27
CA TYR A 121 31.10 -1.27 20.18
C TYR A 121 30.93 -2.56 19.39
N ALA A 122 31.40 -3.66 19.96
CA ALA A 122 31.31 -4.99 19.34
C ALA A 122 30.30 -5.88 20.05
N GLU A 123 30.06 -5.62 21.33
CA GLU A 123 29.15 -6.45 22.08
C GLU A 123 27.98 -5.76 22.75
N LYS A 124 26.81 -6.35 22.54
CA LYS A 124 25.59 -5.89 23.19
C LYS A 124 24.71 -7.10 23.16
N THR A 125 24.15 -7.43 24.32
CA THR A 125 23.31 -8.60 24.46
C THR A 125 22.19 -8.68 23.42
N CYS A 126 21.99 -9.88 22.91
CA CYS A 126 20.96 -10.16 21.95
C CYS A 126 19.77 -10.65 22.76
N VAL A 127 18.67 -9.88 22.72
CA VAL A 127 17.47 -10.26 23.46
C VAL A 127 16.38 -10.82 22.56
N GLY A 128 16.61 -10.79 21.24
CA GLY A 128 15.64 -11.33 20.30
C GLY A 128 14.61 -10.30 19.90
N ASN A 129 13.71 -10.68 18.99
CA ASN A 129 12.69 -9.75 18.50
C ASN A 129 11.30 -10.10 18.99
N GLY A 130 11.23 -10.75 20.13
CA GLY A 130 9.95 -11.14 20.70
C GLY A 130 9.27 -12.28 19.96
N ILE A 131 9.90 -12.79 18.91
CA ILE A 131 9.33 -13.88 18.12
C ILE A 131 10.18 -15.15 18.20
N SER A 132 9.51 -16.30 18.21
CA SER A 132 10.19 -17.59 18.28
C SER A 132 11.31 -17.66 17.24
N GLU A 133 12.35 -18.43 17.55
CA GLU A 133 13.50 -18.60 16.65
C GLU A 133 13.29 -19.83 15.76
N VAL A 134 12.27 -20.62 16.10
CA VAL A 134 11.93 -21.82 15.33
C VAL A 134 10.51 -21.58 14.82
N ASN A 135 10.31 -21.79 13.52
CA ASN A 135 9.01 -21.54 12.88
C ASN A 135 8.46 -20.18 13.34
N PRO A 136 9.19 -19.08 13.04
CA PRO A 136 8.82 -17.73 13.40
C PRO A 136 7.68 -17.16 12.58
N ALA A 137 6.78 -16.42 13.22
CA ALA A 137 5.68 -15.81 12.48
C ALA A 137 6.29 -14.53 11.89
N PRO A 138 5.59 -13.89 10.94
CA PRO A 138 6.13 -12.66 10.32
C PRO A 138 6.06 -11.45 11.24
N TRP A 139 5.25 -11.56 12.29
CA TRP A 139 5.12 -10.49 13.28
C TRP A 139 4.21 -10.92 14.43
N ASN A 140 4.12 -10.05 15.44
CA ASN A 140 3.27 -10.31 16.59
C ASN A 140 2.59 -9.00 16.99
N ALA A 141 1.81 -9.03 18.06
CA ALA A 141 1.10 -7.85 18.54
C ALA A 141 1.98 -6.62 18.67
N GLN A 142 3.29 -6.81 18.84
CA GLN A 142 4.19 -5.67 18.98
C GLN A 142 4.22 -4.76 17.75
N ARG A 143 4.09 -5.35 16.58
CA ARG A 143 4.13 -4.58 15.33
C ARG A 143 3.00 -3.56 15.28
N GLU A 144 2.00 -3.70 16.15
CA GLU A 144 0.89 -2.77 16.16
C GLU A 144 0.75 -1.99 17.48
N HIS A 145 1.85 -1.90 18.23
CA HIS A 145 1.84 -1.14 19.46
C HIS A 145 2.49 0.18 19.07
N GLY A 146 1.68 1.23 18.98
CA GLY A 146 2.24 2.51 18.59
C GLY A 146 2.71 2.43 17.14
N ILE A 147 3.55 3.37 16.73
CA ILE A 147 4.04 3.35 15.37
C ILE A 147 4.77 2.02 15.11
N ALA A 148 5.52 1.55 16.11
CA ALA A 148 6.28 0.30 16.02
C ALA A 148 7.25 0.21 14.87
N PRO A 149 8.26 1.09 14.85
CA PRO A 149 9.25 1.07 13.79
C PRO A 149 10.06 -0.25 13.83
N ILE A 150 10.64 -0.58 12.68
CA ILE A 150 11.45 -1.77 12.47
C ILE A 150 12.91 -1.64 12.98
N GLN A 151 13.51 -0.45 12.86
CA GLN A 151 14.91 -0.28 13.30
C GLN A 151 15.34 1.17 13.37
N LEU A 152 16.42 1.42 14.11
CA LEU A 152 17.01 2.73 14.22
C LEU A 152 17.77 2.74 12.90
N ASP A 153 17.33 3.60 11.99
CA ASP A 153 17.93 3.67 10.66
C ASP A 153 19.19 4.52 10.52
N HIS A 154 19.16 5.70 11.14
CA HIS A 154 20.26 6.63 11.08
C HIS A 154 19.90 7.84 11.92
N CYS A 155 20.65 8.91 11.73
CA CYS A 155 20.42 10.17 12.39
C CYS A 155 21.08 11.15 11.44
N LEU A 156 20.70 12.41 11.52
CA LEU A 156 21.31 13.43 10.68
C LEU A 156 21.81 14.46 11.69
N LEU A 157 23.03 14.92 11.51
CA LEU A 157 23.60 15.88 12.45
C LEU A 157 24.05 17.16 11.77
N TYR A 158 23.94 18.26 12.52
CA TYR A 158 24.34 19.58 12.06
C TYR A 158 25.66 19.93 12.74
N GLY A 159 26.68 20.22 11.95
CA GLY A 159 27.97 20.54 12.51
C GLY A 159 28.81 21.37 11.57
N PRO A 160 29.83 22.06 12.11
CA PRO A 160 30.75 22.92 11.38
C PRO A 160 31.83 22.42 10.42
N ASN A 161 32.29 21.18 10.53
CA ASN A 161 33.36 20.84 9.58
C ASN A 161 33.12 19.53 8.88
N ILE A 162 32.04 19.49 8.12
CA ILE A 162 31.60 18.33 7.36
C ILE A 162 32.59 17.73 6.37
N ALA A 163 33.51 18.55 5.87
CA ALA A 163 34.50 18.05 4.90
C ALA A 163 35.41 17.06 5.62
N GLU A 164 35.80 17.41 6.84
CA GLU A 164 36.66 16.58 7.68
C GLU A 164 35.89 15.37 8.24
N VAL A 165 34.62 15.59 8.61
CA VAL A 165 33.80 14.51 9.10
C VAL A 165 33.72 13.46 8.00
N GLN A 166 33.53 13.90 6.76
CA GLN A 166 33.45 12.99 5.63
C GLN A 166 34.74 12.18 5.54
N LYS A 167 35.88 12.86 5.55
CA LYS A 167 37.17 12.19 5.47
C LYS A 167 37.24 11.11 6.55
N ILE A 168 36.94 11.50 7.79
CA ILE A 168 36.98 10.54 8.88
C ILE A 168 36.13 9.30 8.60
N PHE A 169 34.87 9.50 8.23
CA PHE A 169 33.98 8.37 7.95
C PHE A 169 34.33 7.49 6.76
N THR A 170 34.87 8.08 5.68
CA THR A 170 35.22 7.29 4.50
C THR A 170 36.62 6.64 4.57
N GLU A 171 37.62 7.41 4.98
CA GLU A 171 39.00 6.92 5.04
C GLU A 171 39.35 6.04 6.23
N VAL A 172 38.73 6.29 7.38
CA VAL A 172 38.99 5.50 8.55
C VAL A 172 37.89 4.46 8.82
N LEU A 173 36.64 4.91 8.88
CA LEU A 173 35.51 4.00 9.19
C LEU A 173 34.88 3.15 8.09
N GLY A 174 35.38 3.24 6.87
CA GLY A 174 34.84 2.40 5.83
C GLY A 174 33.43 2.71 5.35
N PHE A 175 33.09 3.99 5.32
CA PHE A 175 31.79 4.42 4.82
C PHE A 175 32.07 4.93 3.42
N TYR A 176 31.02 5.22 2.68
CA TYR A 176 31.20 5.77 1.34
C TYR A 176 30.08 6.78 1.16
N LEU A 177 30.32 7.78 0.31
CA LEU A 177 29.35 8.83 0.04
C LEU A 177 28.32 8.33 -0.95
N VAL A 178 27.05 8.47 -0.59
CA VAL A 178 25.96 8.06 -1.47
C VAL A 178 25.30 9.29 -2.09
N GLU A 179 25.19 10.35 -1.32
CA GLU A 179 24.57 11.56 -1.79
C GLU A 179 25.16 12.78 -1.12
N ARG A 180 25.12 13.91 -1.83
CA ARG A 180 25.58 15.15 -1.26
C ARG A 180 24.88 16.35 -1.87
N VAL A 181 24.91 17.43 -1.09
CA VAL A 181 24.35 18.70 -1.48
C VAL A 181 25.56 19.56 -1.81
N LEU A 182 25.68 19.93 -3.08
CA LEU A 182 26.76 20.75 -3.59
C LEU A 182 26.67 22.18 -3.06
N SER A 183 27.82 22.82 -2.86
CA SER A 183 27.87 24.19 -2.37
C SER A 183 27.13 25.11 -3.34
N PRO A 184 26.49 26.18 -2.83
CA PRO A 184 25.72 27.15 -3.62
C PRO A 184 26.32 27.48 -5.00
N ASP A 185 27.63 27.36 -5.12
CA ASP A 185 28.30 27.62 -6.39
C ASP A 185 29.80 27.45 -6.19
N GLY A 186 30.37 28.30 -5.34
CA GLY A 186 31.79 28.16 -5.04
C GLY A 186 31.76 26.85 -4.29
N ASP A 187 31.69 25.76 -5.06
CA ASP A 187 31.57 24.41 -4.55
C ASP A 187 32.35 23.96 -3.34
N SER A 188 31.80 22.93 -2.71
CA SER A 188 32.29 22.30 -1.51
C SER A 188 31.09 21.39 -1.24
N ASP A 189 30.93 20.93 0.00
CA ASP A 189 29.79 20.07 0.33
C ASP A 189 29.01 20.68 1.49
N MET A 190 27.72 20.89 1.30
CA MET A 190 26.89 21.46 2.35
C MET A 190 26.15 20.39 3.12
N GLY A 191 26.10 19.17 2.58
CA GLY A 191 25.43 18.08 3.24
C GLY A 191 25.93 16.75 2.71
N ILE A 192 26.00 15.76 3.57
CA ILE A 192 26.48 14.45 3.13
C ILE A 192 25.68 13.33 3.76
N TRP A 193 25.47 12.30 2.96
CA TRP A 193 24.75 11.11 3.39
C TRP A 193 25.74 9.98 3.20
N LEU A 194 26.09 9.34 4.32
CA LEU A 194 27.09 8.27 4.32
C LEU A 194 26.54 6.89 4.65
N SER A 195 27.03 5.88 3.94
CA SER A 195 26.59 4.51 4.17
C SER A 195 27.78 3.60 4.45
N CYS A 196 27.59 2.63 5.34
CA CYS A 196 28.63 1.66 5.67
C CYS A 196 28.03 0.30 5.37
N SER A 197 26.98 0.32 4.56
CA SER A 197 26.22 -0.87 4.20
C SER A 197 25.68 -0.75 2.77
N HIS A 198 24.49 -1.29 2.52
CA HIS A 198 23.90 -1.06 1.21
C HIS A 198 22.61 -0.28 1.39
N LYS A 199 22.58 0.50 2.47
CA LYS A 199 21.47 1.37 2.76
C LYS A 199 21.85 2.72 2.19
N VAL A 200 20.85 3.53 1.84
CA VAL A 200 21.09 4.87 1.31
C VAL A 200 22.03 5.63 2.24
N HIS A 201 21.80 5.49 3.54
CA HIS A 201 22.69 6.11 4.52
C HIS A 201 22.43 5.62 5.94
N ASP A 202 23.55 5.46 6.67
CA ASP A 202 23.53 5.02 8.06
C ASP A 202 23.66 6.28 8.93
N ILE A 203 24.10 7.37 8.30
CA ILE A 203 24.23 8.65 8.99
C ILE A 203 24.39 9.77 7.96
N ALA A 204 24.07 11.00 8.38
CA ALA A 204 24.13 12.18 7.50
C ALA A 204 24.57 13.42 8.26
N PHE A 205 25.24 14.33 7.55
CA PHE A 205 25.74 15.56 8.16
C PHE A 205 25.48 16.77 7.26
N VAL A 206 25.01 17.85 7.85
CA VAL A 206 24.79 19.09 7.12
C VAL A 206 25.61 20.21 7.76
N GLU A 207 26.39 20.93 6.94
CA GLU A 207 27.21 22.07 7.38
C GLU A 207 26.42 23.01 8.28
N TYR A 208 26.99 23.40 9.42
CA TYR A 208 26.26 24.25 10.36
C TYR A 208 27.18 24.78 11.47
N PRO A 209 27.05 26.07 11.78
CA PRO A 209 27.83 26.78 12.82
C PRO A 209 27.90 26.07 14.17
N GLU A 210 26.74 25.88 14.81
CA GLU A 210 26.68 25.22 16.12
C GLU A 210 27.13 23.77 16.06
N LYS A 211 27.97 23.38 17.02
CA LYS A 211 28.49 22.03 17.14
C LYS A 211 27.58 21.16 17.98
N GLY A 212 27.55 19.86 17.68
CA GLY A 212 26.72 18.92 18.41
C GLY A 212 25.22 19.00 18.21
N LYS A 213 24.74 19.67 17.16
CA LYS A 213 23.30 19.76 16.95
C LYS A 213 22.79 18.43 16.39
N LEU A 214 21.67 17.98 16.94
CA LEU A 214 21.05 16.78 16.44
C LEU A 214 19.83 17.26 15.64
N HIS A 215 19.78 16.97 14.34
CA HIS A 215 18.61 17.35 13.54
C HIS A 215 17.50 16.33 13.81
N HIS A 216 17.84 15.06 13.76
CA HIS A 216 16.87 14.01 14.03
C HIS A 216 17.43 12.62 14.03
N CYS A 217 16.72 11.73 14.71
CA CYS A 217 17.03 10.32 14.71
C CYS A 217 15.92 9.76 13.81
N SER A 218 16.20 8.65 13.14
CA SER A 218 15.24 8.08 12.23
C SER A 218 14.96 6.61 12.43
N PHE A 219 13.68 6.25 12.23
CA PHE A 219 13.23 4.87 12.36
C PHE A 219 12.48 4.44 11.10
N LEU A 220 12.83 3.24 10.63
CA LEU A 220 12.27 2.63 9.44
C LEU A 220 10.93 1.90 9.67
N LEU A 221 9.96 2.15 8.79
CA LEU A 221 8.64 1.50 8.85
C LEU A 221 8.55 0.52 7.69
N GLU A 222 7.69 -0.48 7.81
CA GLU A 222 7.52 -1.52 6.77
C GLU A 222 7.12 -1.01 5.40
N SER A 223 6.18 -0.07 5.35
CA SER A 223 5.68 0.43 4.07
C SER A 223 5.09 1.82 4.14
N TRP A 224 4.69 2.32 2.98
CA TRP A 224 4.10 3.65 2.82
C TRP A 224 2.82 3.74 3.62
N GLU A 225 2.06 2.66 3.70
CA GLU A 225 0.83 2.72 4.46
C GLU A 225 1.15 2.87 5.96
N GLN A 226 2.19 2.18 6.44
CA GLN A 226 2.58 2.32 7.84
C GLN A 226 2.95 3.77 8.10
N VAL A 227 3.49 4.46 7.09
CA VAL A 227 3.85 5.86 7.27
C VAL A 227 2.57 6.68 7.42
N LEU A 228 1.54 6.27 6.70
CA LEU A 228 0.26 6.97 6.77
C LEU A 228 -0.34 6.71 8.14
N ARG A 229 -0.18 5.47 8.60
CA ARG A 229 -0.68 5.07 9.91
C ARG A 229 0.02 5.79 11.09
N ALA A 230 1.30 6.12 10.94
CA ALA A 230 2.01 6.79 12.03
C ALA A 230 1.48 8.19 12.11
N GLY A 231 1.10 8.71 10.96
CA GLY A 231 0.58 10.06 10.94
C GLY A 231 -0.75 10.12 11.66
N ASP A 232 -1.56 9.06 11.54
CA ASP A 232 -2.84 9.09 12.21
C ASP A 232 -2.54 8.98 13.71
N ILE A 233 -1.61 8.09 14.06
CA ILE A 233 -1.26 7.89 15.45
C ILE A 233 -0.67 9.15 16.10
N MET A 234 0.10 9.93 15.35
CA MET A 234 0.68 11.15 15.87
C MET A 234 -0.42 12.18 16.14
N SER A 235 -1.36 12.26 15.20
CA SER A 235 -2.47 13.18 15.30
C SER A 235 -3.30 12.91 16.55
N MET A 236 -3.66 11.63 16.74
CA MET A 236 -4.46 11.21 17.87
C MET A 236 -3.79 11.60 19.19
N ASN A 237 -2.47 11.40 19.28
CA ASN A 237 -1.72 11.72 20.49
C ASN A 237 -1.30 13.18 20.58
N GLU A 238 -1.90 14.01 19.74
CA GLU A 238 -1.60 15.43 19.70
C GLU A 238 -0.08 15.67 19.74
N VAL A 239 0.64 14.89 18.94
CA VAL A 239 2.08 15.00 18.79
C VAL A 239 2.28 16.23 17.90
N ASN A 240 3.39 16.94 18.06
CA ASN A 240 3.61 18.10 17.22
C ASN A 240 4.46 17.65 16.01
N VAL A 241 3.81 17.62 14.86
CA VAL A 241 4.41 17.20 13.59
C VAL A 241 5.15 18.36 12.94
N ASP A 242 6.35 18.07 12.47
CA ASP A 242 7.16 19.10 11.81
C ASP A 242 6.67 19.23 10.37
N ILE A 243 6.79 18.16 9.62
CA ILE A 243 6.36 18.17 8.23
C ILE A 243 5.78 16.78 7.90
N GLY A 244 4.45 16.80 7.72
CA GLY A 244 3.65 15.61 7.43
C GLY A 244 4.19 14.68 6.39
N PRO A 245 3.54 13.52 6.20
CA PRO A 245 3.98 12.52 5.22
C PRO A 245 4.30 13.18 3.88
N THR A 246 5.46 12.86 3.33
CA THR A 246 5.86 13.46 2.08
C THR A 246 7.02 12.76 1.40
N ARG A 247 7.17 13.02 0.10
CA ARG A 247 8.26 12.45 -0.68
C ARG A 247 9.49 13.29 -0.36
N HIS A 248 10.22 12.85 0.67
CA HIS A 248 11.44 13.50 1.15
C HIS A 248 12.14 14.32 0.08
N GLY A 249 12.80 13.63 -0.85
CA GLY A 249 13.51 14.30 -1.91
C GLY A 249 14.96 13.89 -1.93
N VAL A 250 15.79 14.54 -1.11
CA VAL A 250 17.21 14.22 -1.04
C VAL A 250 17.50 12.83 -0.48
N THR A 251 16.69 11.83 -0.84
CA THR A 251 16.90 10.45 -0.35
C THR A 251 15.85 9.41 -0.83
N ARG A 252 14.84 9.87 -1.57
CA ARG A 252 13.76 9.01 -2.09
C ARG A 252 12.87 8.36 -1.03
N GLY A 253 12.94 8.87 0.19
CA GLY A 253 12.15 8.31 1.26
C GLY A 253 10.82 9.01 1.50
N CYS A 254 9.79 8.25 1.85
CA CYS A 254 8.48 8.81 2.14
C CYS A 254 8.47 8.88 3.65
N THR A 255 8.46 10.10 4.17
CA THR A 255 8.61 10.34 5.59
C THR A 255 7.78 11.41 6.34
N ILE A 256 7.86 11.33 7.67
CA ILE A 256 7.22 12.26 8.58
C ILE A 256 8.26 12.72 9.62
N TYR A 257 8.43 14.03 9.78
CA TYR A 257 9.34 14.56 10.79
C TYR A 257 8.46 15.03 11.94
N ALA A 258 8.64 14.46 13.13
CA ALA A 258 7.82 14.87 14.25
C ALA A 258 8.66 15.19 15.45
N TRP A 259 8.05 15.79 16.45
CA TRP A 259 8.79 16.17 17.62
C TRP A 259 8.49 15.38 18.88
N ASP A 260 9.53 15.27 19.68
CA ASP A 260 9.58 14.62 20.99
C ASP A 260 8.85 15.53 21.97
N PRO A 261 8.44 15.01 23.13
CA PRO A 261 7.78 15.97 24.03
C PRO A 261 8.84 16.96 24.55
N SER A 262 10.13 16.64 24.39
CA SER A 262 11.23 17.49 24.85
C SER A 262 11.81 18.39 23.77
N GLY A 263 11.44 18.15 22.52
CA GLY A 263 11.96 18.97 21.43
C GLY A 263 12.91 18.20 20.54
N ASN A 264 13.01 16.90 20.77
CA ASN A 264 13.88 16.08 19.94
C ASN A 264 13.12 15.61 18.70
N ARG A 265 13.54 16.08 17.53
CA ARG A 265 12.88 15.65 16.31
C ARG A 265 13.24 14.22 15.99
N PHE A 266 12.26 13.49 15.47
CA PHE A 266 12.50 12.11 15.03
C PHE A 266 11.84 11.88 13.67
N GLU A 267 12.23 10.80 13.00
CA GLU A 267 11.67 10.51 11.68
C GLU A 267 11.17 9.09 11.54
N THR A 268 9.98 8.96 10.96
CA THR A 268 9.40 7.66 10.69
C THR A 268 9.31 7.67 9.15
N PHE A 269 9.97 6.73 8.48
CA PHE A 269 9.95 6.69 7.01
C PHE A 269 10.10 5.27 6.46
N MET A 270 9.96 5.16 5.13
CA MET A 270 10.18 3.88 4.45
C MET A 270 10.59 4.20 3.02
N GLY A 271 11.17 3.22 2.34
CA GLY A 271 11.58 3.44 0.96
C GLY A 271 13.02 3.88 0.77
N GLY A 272 13.55 3.65 -0.43
CA GLY A 272 14.92 4.01 -0.76
C GLY A 272 15.47 3.06 -1.80
N TYR A 273 16.56 3.46 -2.46
CA TYR A 273 17.17 2.59 -3.45
C TYR A 273 18.24 1.77 -2.73
N HIS A 274 19.06 1.00 -3.45
CA HIS A 274 20.06 0.14 -2.82
C HIS A 274 21.46 0.37 -3.34
N PRO A 275 22.15 1.36 -2.77
CA PRO A 275 23.52 1.68 -3.20
C PRO A 275 24.57 0.71 -2.67
N TYR A 276 25.61 0.49 -3.44
CA TYR A 276 26.69 -0.41 -3.01
C TYR A 276 27.96 0.41 -3.12
N PRO A 277 29.01 0.04 -2.37
CA PRO A 277 30.32 0.70 -2.32
C PRO A 277 30.94 1.07 -3.66
N ASP A 278 30.58 0.35 -4.72
CA ASP A 278 31.14 0.64 -6.05
C ASP A 278 30.40 1.75 -6.79
N TYR A 279 29.31 2.24 -6.22
CA TYR A 279 28.56 3.29 -6.88
C TYR A 279 29.14 4.64 -6.60
N GLU A 280 28.88 5.57 -7.51
CA GLU A 280 29.32 6.94 -7.38
C GLU A 280 28.11 7.65 -6.76
N PRO A 281 28.33 8.70 -5.97
CA PRO A 281 27.21 9.41 -5.35
C PRO A 281 26.29 10.23 -6.25
N LEU A 282 25.15 10.64 -5.71
CA LEU A 282 24.23 11.50 -6.46
C LEU A 282 24.48 12.89 -5.87
N SER A 283 24.08 13.94 -6.59
CA SER A 283 24.27 15.32 -6.12
C SER A 283 23.01 16.19 -6.20
N TRP A 284 22.89 17.09 -5.23
CA TRP A 284 21.78 18.03 -5.18
C TRP A 284 22.34 19.44 -5.18
N THR A 285 21.83 20.30 -6.07
CA THR A 285 22.30 21.66 -6.14
C THR A 285 21.68 22.40 -4.97
N TYR A 286 22.45 23.31 -4.37
CA TYR A 286 21.99 24.08 -3.22
C TYR A 286 20.55 24.60 -3.27
N ASP A 287 20.15 25.18 -4.40
CA ASP A 287 18.78 25.72 -4.47
C ASP A 287 17.76 24.62 -4.33
N ASN A 288 18.01 23.51 -4.99
CA ASN A 288 17.11 22.38 -4.89
C ASN A 288 17.03 22.05 -3.39
N PHE A 289 18.19 21.77 -2.80
CA PHE A 289 18.28 21.45 -1.38
C PHE A 289 17.58 22.47 -0.49
N ALA A 290 17.68 23.75 -0.85
CA ALA A 290 17.07 24.81 -0.07
C ALA A 290 15.57 24.64 0.02
N GLN A 291 15.02 23.81 -0.87
CA GLN A 291 13.59 23.57 -0.86
C GLN A 291 13.29 22.32 -0.05
N GLY A 292 14.35 21.57 0.25
CA GLY A 292 14.21 20.34 1.01
C GLY A 292 13.89 20.41 2.50
N LEU A 293 13.67 19.23 3.07
CA LEU A 293 13.33 19.08 4.47
C LEU A 293 14.51 19.19 5.39
N ASP A 294 15.72 19.11 4.86
CA ASP A 294 16.91 19.16 5.72
C ASP A 294 17.61 20.47 5.78
N TYR A 295 17.02 21.45 5.09
CA TYR A 295 17.56 22.81 5.02
C TYR A 295 17.55 23.44 6.43
N PRO A 296 18.71 23.99 6.85
CA PRO A 296 18.78 24.62 8.17
C PRO A 296 17.62 25.60 8.35
N GLN A 297 17.25 26.31 7.28
CA GLN A 297 16.11 27.22 7.38
C GLN A 297 14.84 26.46 7.03
N ARG A 298 13.71 27.06 7.40
CA ARG A 298 12.34 26.56 7.22
C ARG A 298 11.89 26.24 8.63
N ALA B 2 -31.80 0.83 -3.85
CA ALA B 2 -31.44 1.24 -5.23
C ALA B 2 -31.00 2.71 -5.29
N MET B 3 -30.14 3.02 -6.26
CA MET B 3 -29.69 4.40 -6.45
C MET B 3 -30.75 5.04 -7.34
N THR B 4 -31.40 6.06 -6.80
CA THR B 4 -32.49 6.74 -7.50
C THR B 4 -32.23 8.23 -7.69
N GLY B 5 -33.19 8.94 -8.29
CA GLY B 5 -33.06 10.37 -8.50
C GLY B 5 -31.70 10.84 -8.98
N VAL B 6 -31.04 11.64 -8.16
CA VAL B 6 -29.71 12.13 -8.51
C VAL B 6 -28.74 11.00 -8.23
N LEU B 7 -28.05 10.55 -9.27
CA LEU B 7 -27.13 9.45 -9.12
C LEU B 7 -25.70 9.83 -8.74
N ARG B 8 -25.06 10.68 -9.54
CA ARG B 8 -23.66 10.98 -9.28
C ARG B 8 -23.19 12.23 -10.00
N PRO B 9 -22.02 12.77 -9.60
CA PRO B 9 -21.53 13.96 -10.30
C PRO B 9 -21.38 13.48 -11.75
N GLY B 10 -21.83 14.27 -12.72
CA GLY B 10 -21.71 13.85 -14.10
C GLY B 10 -20.68 14.62 -14.91
N HIS B 11 -20.54 15.90 -14.58
CA HIS B 11 -19.55 16.72 -15.25
C HIS B 11 -19.31 18.06 -14.58
N ALA B 12 -18.09 18.55 -14.80
CA ALA B 12 -17.67 19.84 -14.29
C ALA B 12 -17.11 20.57 -15.50
N GLN B 13 -17.50 21.83 -15.68
CA GLN B 13 -16.99 22.63 -16.78
C GLN B 13 -16.19 23.74 -16.13
N VAL B 14 -14.90 23.78 -16.41
CA VAL B 14 -14.02 24.76 -15.80
C VAL B 14 -13.36 25.70 -16.82
N ARG B 15 -12.99 26.88 -16.37
CA ARG B 15 -12.38 27.84 -17.27
C ARG B 15 -10.86 27.83 -17.20
N VAL B 16 -10.22 27.78 -18.36
CA VAL B 16 -8.76 27.80 -18.42
C VAL B 16 -8.36 29.00 -19.28
N LEU B 17 -7.26 29.64 -18.92
CA LEU B 17 -6.78 30.81 -19.64
C LEU B 17 -6.10 30.46 -20.97
N ASN B 18 -5.67 29.21 -21.11
CA ASN B 18 -5.02 28.74 -22.33
C ASN B 18 -5.54 27.37 -22.67
N LEU B 19 -6.36 27.28 -23.71
CA LEU B 19 -6.91 26.00 -24.12
C LEU B 19 -5.88 24.89 -24.29
N GLU B 20 -5.02 25.00 -25.30
CA GLU B 20 -4.02 23.95 -25.56
C GLU B 20 -3.06 23.66 -24.41
N GLU B 21 -2.84 24.62 -23.52
CA GLU B 21 -1.95 24.38 -22.39
C GLU B 21 -2.71 23.61 -21.31
N GLY B 22 -4.03 23.74 -21.30
CA GLY B 22 -4.84 23.02 -20.32
C GLY B 22 -5.10 21.61 -20.80
N ILE B 23 -5.04 21.41 -22.11
CA ILE B 23 -5.27 20.11 -22.71
C ILE B 23 -4.12 19.18 -22.39
N HIS B 24 -2.89 19.63 -22.61
CA HIS B 24 -1.72 18.81 -22.35
C HIS B 24 -1.67 18.38 -20.89
N PHE B 25 -2.00 19.31 -20.01
CA PHE B 25 -1.98 19.04 -18.59
C PHE B 25 -2.96 17.94 -18.14
N TYR B 26 -4.22 18.08 -18.52
CA TYR B 26 -5.24 17.13 -18.13
C TYR B 26 -5.09 15.76 -18.79
N ARG B 27 -4.50 15.74 -19.97
CA ARG B 27 -4.33 14.47 -20.64
C ARG B 27 -3.00 13.81 -20.25
N ASN B 28 -2.02 14.61 -19.87
CA ASN B 28 -0.70 14.08 -19.54
C ASN B 28 -0.30 14.14 -18.08
N VAL B 29 -0.79 15.13 -17.36
CA VAL B 29 -0.47 15.16 -15.95
C VAL B 29 -1.59 14.42 -15.20
N LEU B 30 -2.81 14.96 -15.24
CA LEU B 30 -3.92 14.31 -14.55
C LEU B 30 -4.20 12.96 -15.15
N GLY B 31 -3.98 12.84 -16.45
CA GLY B 31 -4.21 11.55 -17.08
C GLY B 31 -5.66 11.24 -17.39
N LEU B 32 -6.44 12.27 -17.73
CA LEU B 32 -7.83 12.04 -18.10
C LEU B 32 -7.82 11.59 -19.56
N VAL B 33 -8.91 10.97 -20.00
CA VAL B 33 -9.01 10.50 -21.38
C VAL B 33 -9.81 11.48 -22.20
N GLU B 34 -9.24 11.93 -23.32
CA GLU B 34 -9.94 12.89 -24.17
C GLU B 34 -10.96 12.18 -25.04
N THR B 35 -12.18 12.68 -25.05
CA THR B 35 -13.24 12.07 -25.85
C THR B 35 -13.79 12.93 -27.00
N GLY B 36 -13.46 14.21 -27.05
CA GLY B 36 -13.98 15.03 -28.14
C GLY B 36 -13.86 16.52 -28.00
N ARG B 37 -14.07 17.23 -29.11
CA ARG B 37 -13.97 18.70 -29.14
C ARG B 37 -15.06 19.32 -30.03
N ASP B 38 -15.84 20.24 -29.45
CA ASP B 38 -16.94 20.89 -30.18
C ASP B 38 -16.55 22.23 -30.84
N ASP B 39 -17.50 22.83 -31.56
CA ASP B 39 -17.29 24.11 -32.27
C ASP B 39 -17.10 25.31 -31.36
N GLN B 40 -17.59 25.21 -30.14
CA GLN B 40 -17.46 26.30 -29.21
C GLN B 40 -16.03 26.30 -28.70
N GLY B 41 -15.27 25.29 -29.12
CA GLY B 41 -13.89 25.20 -28.72
C GLY B 41 -13.71 24.58 -27.36
N ARG B 42 -14.71 23.82 -26.91
CA ARG B 42 -14.58 23.15 -25.62
C ARG B 42 -14.05 21.76 -25.93
N VAL B 43 -13.20 21.25 -25.04
CA VAL B 43 -12.64 19.90 -25.19
C VAL B 43 -13.12 19.08 -23.98
N TYR B 44 -13.50 17.82 -24.25
CA TYR B 44 -14.04 16.92 -23.24
C TYR B 44 -13.11 15.81 -22.72
N PHE B 45 -13.27 15.49 -21.44
CA PHE B 45 -12.47 14.43 -20.81
C PHE B 45 -13.31 13.54 -19.90
N LYS B 46 -12.80 12.34 -19.64
CA LYS B 46 -13.44 11.38 -18.75
C LYS B 46 -12.34 10.55 -18.11
N CYS B 47 -12.54 10.17 -16.84
CA CYS B 47 -11.57 9.31 -16.16
C CYS B 47 -11.64 8.01 -16.95
N TRP B 48 -10.54 7.26 -16.98
CA TRP B 48 -10.50 6.04 -17.78
C TRP B 48 -11.48 4.93 -17.38
N ASP B 49 -11.81 4.85 -16.10
CA ASP B 49 -12.70 3.79 -15.66
C ASP B 49 -14.19 4.14 -15.75
N GLU B 50 -14.51 5.41 -15.98
CA GLU B 50 -15.92 5.76 -16.10
C GLU B 50 -16.37 5.24 -17.46
N ARG B 51 -17.68 5.28 -17.71
CA ARG B 51 -18.23 4.84 -18.97
C ARG B 51 -18.86 5.97 -19.79
N ASP B 52 -19.22 7.08 -19.16
CA ASP B 52 -19.82 8.19 -19.90
C ASP B 52 -18.81 9.02 -20.70
N HIS B 53 -19.28 9.57 -21.82
CA HIS B 53 -18.48 10.38 -22.74
C HIS B 53 -17.65 11.46 -22.05
N SER B 54 -18.13 12.01 -20.95
CA SER B 54 -17.37 13.06 -20.29
C SER B 54 -17.76 13.30 -18.85
N CYS B 55 -16.81 13.84 -18.10
CA CYS B 55 -17.00 14.18 -16.70
C CYS B 55 -16.33 15.52 -16.37
N TYR B 56 -15.46 15.99 -17.26
CA TYR B 56 -14.76 17.24 -17.01
C TYR B 56 -14.56 17.94 -18.37
N ILE B 57 -15.02 19.19 -18.47
CA ILE B 57 -14.95 19.98 -19.69
C ILE B 57 -14.21 21.30 -19.49
N ILE B 58 -13.29 21.57 -20.41
CA ILE B 58 -12.50 22.79 -20.33
C ILE B 58 -12.84 23.75 -21.44
N ARG B 59 -13.03 25.01 -21.09
CA ARG B 59 -13.36 26.06 -22.04
C ARG B 59 -12.40 27.24 -21.88
N GLU B 60 -11.83 27.69 -22.99
CA GLU B 60 -10.92 28.82 -22.92
C GLU B 60 -11.72 30.07 -22.56
N ALA B 61 -11.24 30.81 -21.56
CA ALA B 61 -11.91 32.03 -21.14
C ALA B 61 -10.86 32.97 -20.52
N ASP B 62 -11.26 34.21 -20.28
CA ASP B 62 -10.35 35.20 -19.72
C ASP B 62 -10.26 35.12 -18.21
N THR B 63 -10.88 34.10 -17.63
CA THR B 63 -10.84 33.97 -16.17
C THR B 63 -11.01 32.53 -15.74
N ALA B 64 -10.24 32.10 -14.75
CA ALA B 64 -10.35 30.75 -14.25
C ALA B 64 -11.61 30.62 -13.39
N GLY B 65 -11.98 29.38 -13.09
CA GLY B 65 -13.16 29.14 -12.27
C GLY B 65 -14.05 28.09 -12.89
N ILE B 66 -15.23 27.92 -12.34
CA ILE B 66 -16.13 26.91 -12.83
C ILE B 66 -17.35 27.57 -13.45
N ASP B 67 -17.81 27.04 -14.59
CA ASP B 67 -18.99 27.59 -15.24
C ASP B 67 -20.20 26.92 -14.63
N PHE B 68 -20.18 25.58 -14.62
CA PHE B 68 -21.26 24.79 -14.03
C PHE B 68 -20.78 23.42 -13.61
N PHE B 69 -21.63 22.72 -12.85
CA PHE B 69 -21.33 21.37 -12.37
C PHE B 69 -22.62 20.56 -12.46
N GLY B 70 -22.60 19.50 -13.26
CA GLY B 70 -23.80 18.69 -13.42
C GLY B 70 -23.82 17.30 -12.80
N PHE B 71 -25.02 16.85 -12.46
CA PHE B 71 -25.25 15.55 -11.88
C PHE B 71 -26.09 14.74 -12.83
N LYS B 72 -25.81 13.45 -12.95
CA LYS B 72 -26.61 12.61 -13.81
C LYS B 72 -27.72 12.08 -12.93
N VAL B 73 -28.90 11.91 -13.51
CA VAL B 73 -30.07 11.40 -12.81
C VAL B 73 -30.49 10.09 -13.49
N LEU B 74 -31.25 9.27 -12.78
CA LEU B 74 -31.69 7.97 -13.28
C LEU B 74 -32.34 7.92 -14.64
N ASP B 75 -33.25 8.85 -14.93
CA ASP B 75 -33.94 8.84 -16.22
C ASP B 75 -34.68 10.13 -16.56
N LYS B 76 -35.22 10.19 -17.77
CA LYS B 76 -35.96 11.36 -18.25
C LYS B 76 -37.06 11.71 -17.28
N ALA B 77 -37.87 10.70 -16.95
CA ALA B 77 -38.96 10.89 -16.02
C ALA B 77 -38.43 11.62 -14.80
N THR B 78 -37.35 11.06 -14.25
CA THR B 78 -36.72 11.61 -13.05
C THR B 78 -36.26 13.03 -13.23
N LEU B 79 -35.75 13.31 -14.43
CA LEU B 79 -35.24 14.63 -14.76
C LEU B 79 -36.39 15.63 -14.89
N GLU B 80 -37.50 15.23 -15.51
CA GLU B 80 -38.65 16.12 -15.63
C GLU B 80 -39.20 16.37 -14.24
N LYS B 81 -39.20 15.33 -13.40
CA LYS B 81 -39.73 15.46 -12.05
C LYS B 81 -38.90 16.41 -11.20
N LEU B 82 -37.58 16.28 -11.30
CA LEU B 82 -36.67 17.14 -10.55
C LEU B 82 -36.84 18.58 -11.04
N ASP B 83 -37.04 18.73 -12.36
CA ASP B 83 -37.25 20.05 -12.94
C ASP B 83 -38.47 20.72 -12.32
N ALA B 84 -39.55 19.96 -12.17
CA ALA B 84 -40.78 20.50 -11.59
C ALA B 84 -40.57 20.82 -10.11
N ASP B 85 -39.97 19.86 -9.40
CA ASP B 85 -39.72 19.99 -7.97
C ASP B 85 -38.88 21.21 -7.63
N LEU B 86 -37.90 21.50 -8.46
CA LEU B 86 -37.03 22.66 -8.23
C LEU B 86 -37.83 23.95 -8.36
N GLN B 87 -38.76 23.96 -9.32
CA GLN B 87 -39.56 25.15 -9.55
C GLN B 87 -40.61 25.33 -8.46
N ALA B 88 -41.15 24.21 -7.98
CA ALA B 88 -42.15 24.24 -6.91
C ALA B 88 -41.55 24.75 -5.62
N TYR B 89 -40.22 24.74 -5.53
CA TYR B 89 -39.51 25.22 -4.36
C TYR B 89 -39.34 26.74 -4.54
N GLY B 90 -39.36 27.17 -5.82
CA GLY B 90 -39.23 28.58 -6.13
C GLY B 90 -38.05 28.96 -7.03
N LEU B 91 -37.14 28.01 -7.23
CA LEU B 91 -35.97 28.22 -8.06
C LEU B 91 -36.29 28.35 -9.54
N THR B 92 -35.76 29.39 -10.18
CA THR B 92 -35.99 29.56 -11.61
C THR B 92 -35.10 28.54 -12.34
N THR B 93 -35.72 27.80 -13.24
CA THR B 93 -35.07 26.75 -14.00
C THR B 93 -34.82 27.10 -15.46
N THR B 94 -33.66 26.70 -15.97
CA THR B 94 -33.30 26.95 -17.38
C THR B 94 -33.07 25.60 -18.02
N ARG B 95 -33.59 25.43 -19.23
CA ARG B 95 -33.49 24.17 -19.95
C ARG B 95 -32.53 24.23 -21.13
N ILE B 96 -31.41 23.52 -21.02
CA ILE B 96 -30.41 23.50 -22.08
C ILE B 96 -30.75 22.36 -23.02
N PRO B 97 -30.76 22.64 -24.33
CA PRO B 97 -31.09 21.61 -25.33
C PRO B 97 -30.07 20.52 -25.55
N ALA B 98 -30.58 19.38 -25.99
CA ALA B 98 -29.77 18.22 -26.28
C ALA B 98 -28.69 18.56 -27.32
N GLY B 99 -27.53 17.94 -27.19
CA GLY B 99 -26.45 18.18 -28.15
C GLY B 99 -25.77 19.52 -28.01
N GLU B 100 -26.24 20.36 -27.09
CA GLU B 100 -25.60 21.64 -26.87
C GLU B 100 -24.19 21.27 -26.43
N MET B 101 -24.09 20.15 -25.70
CA MET B 101 -22.81 19.63 -25.24
C MET B 101 -22.64 18.36 -26.06
N LEU B 102 -21.41 18.07 -26.48
CA LEU B 102 -21.21 16.85 -27.25
C LEU B 102 -21.76 15.66 -26.50
N GLU B 103 -22.37 14.74 -27.25
CA GLU B 103 -22.92 13.48 -26.74
C GLU B 103 -23.82 13.59 -25.52
N THR B 104 -24.28 14.80 -25.23
CA THR B 104 -25.10 14.99 -24.05
C THR B 104 -26.54 15.33 -24.34
N GLY B 105 -27.44 14.72 -23.58
CA GLY B 105 -28.86 14.97 -23.75
C GLY B 105 -29.14 16.35 -23.22
N GLU B 106 -30.41 16.68 -23.06
CA GLU B 106 -30.77 17.99 -22.57
C GLU B 106 -30.64 18.06 -21.04
N ARG B 107 -30.23 19.20 -20.53
CA ARG B 107 -30.07 19.35 -19.09
C ARG B 107 -30.92 20.45 -18.54
N VAL B 108 -31.17 20.36 -17.24
CA VAL B 108 -31.92 21.34 -16.48
C VAL B 108 -30.84 22.12 -15.69
N ARG B 109 -30.79 23.43 -15.87
CA ARG B 109 -29.79 24.23 -15.17
C ARG B 109 -30.43 25.29 -14.26
N PHE B 110 -29.91 25.44 -13.06
CA PHE B 110 -30.45 26.45 -12.15
C PHE B 110 -29.33 27.04 -11.32
N GLU B 111 -29.58 28.21 -10.76
CA GLU B 111 -28.56 28.86 -9.96
C GLU B 111 -28.91 28.79 -8.50
N LEU B 112 -27.90 28.48 -7.69
CA LEU B 112 -28.07 28.38 -6.26
C LEU B 112 -27.89 29.75 -5.63
N PRO B 113 -28.21 29.86 -4.34
CA PRO B 113 -28.08 31.11 -3.58
C PRO B 113 -26.58 31.42 -3.43
N SER B 114 -25.76 30.40 -3.55
CA SER B 114 -24.33 30.55 -3.39
C SER B 114 -23.67 31.11 -4.64
N GLY B 115 -24.46 31.25 -5.71
CA GLY B 115 -23.95 31.79 -6.96
C GLY B 115 -23.46 30.78 -7.98
N HIS B 116 -23.44 29.50 -7.63
CA HIS B 116 -22.99 28.47 -8.57
C HIS B 116 -24.11 27.90 -9.43
N LEU B 117 -23.75 27.47 -10.65
CA LEU B 117 -24.75 26.87 -11.52
C LEU B 117 -24.69 25.35 -11.37
N ILE B 118 -25.84 24.71 -11.25
CA ILE B 118 -25.91 23.25 -11.13
C ILE B 118 -26.78 22.68 -12.23
N GLU B 119 -26.36 21.54 -12.77
CA GLU B 119 -27.11 20.89 -13.83
C GLU B 119 -27.48 19.46 -13.52
N LEU B 120 -28.58 19.05 -14.15
CA LEU B 120 -29.09 17.71 -14.03
C LEU B 120 -29.32 17.24 -15.45
N TYR B 121 -28.94 16.00 -15.74
CA TYR B 121 -29.17 15.41 -17.06
C TYR B 121 -29.40 13.93 -16.90
N ALA B 122 -30.16 13.36 -17.82
CA ALA B 122 -30.43 11.93 -17.76
C ALA B 122 -29.70 11.17 -18.85
N GLU B 123 -29.25 11.86 -19.89
CA GLU B 123 -28.56 11.18 -20.99
C GLU B 123 -27.20 11.72 -21.43
N LYS B 124 -26.28 10.78 -21.61
CA LYS B 124 -24.93 11.05 -22.06
C LYS B 124 -24.40 9.71 -22.57
N THR B 125 -23.97 9.72 -23.83
CA THR B 125 -23.48 8.51 -24.47
C THR B 125 -22.44 7.76 -23.64
N CYS B 126 -22.66 6.46 -23.53
CA CYS B 126 -21.80 5.57 -22.80
C CYS B 126 -20.76 5.15 -23.80
N VAL B 127 -19.50 5.56 -23.62
CA VAL B 127 -18.47 5.18 -24.57
C VAL B 127 -17.64 4.03 -24.02
N GLY B 128 -17.75 3.79 -22.73
CA GLY B 128 -17.02 2.71 -22.11
C GLY B 128 -15.71 3.14 -21.46
N ASN B 129 -15.15 2.19 -20.71
CA ASN B 129 -13.90 2.38 -19.97
C ASN B 129 -12.69 1.77 -20.66
N GLY B 130 -12.67 1.78 -22.00
CA GLY B 130 -11.53 1.23 -22.71
C GLY B 130 -11.26 -0.27 -22.57
N ILE B 131 -12.01 -0.95 -21.71
CA ILE B 131 -11.85 -2.40 -21.50
C ILE B 131 -13.08 -3.11 -22.07
N SER B 132 -12.92 -4.36 -22.53
CA SER B 132 -14.02 -5.11 -23.11
C SER B 132 -15.19 -5.43 -22.16
N GLU B 133 -16.36 -5.66 -22.75
CA GLU B 133 -17.56 -5.95 -21.99
C GLU B 133 -17.61 -7.43 -21.60
N VAL B 134 -16.79 -8.22 -22.30
CA VAL B 134 -16.74 -9.65 -22.04
C VAL B 134 -15.34 -10.03 -21.55
N ASN B 135 -15.31 -10.80 -20.46
CA ASN B 135 -14.05 -11.25 -19.84
C ASN B 135 -13.08 -10.07 -19.68
N PRO B 136 -13.55 -8.96 -19.10
CA PRO B 136 -12.71 -7.77 -18.91
C PRO B 136 -11.52 -7.93 -17.98
N ALA B 137 -10.39 -7.38 -18.37
CA ALA B 137 -9.20 -7.41 -17.52
C ALA B 137 -9.53 -6.35 -16.45
N PRO B 138 -8.78 -6.36 -15.32
CA PRO B 138 -9.00 -5.40 -14.22
C PRO B 138 -8.58 -3.94 -14.51
N TRP B 139 -7.77 -3.75 -15.56
CA TRP B 139 -7.33 -2.44 -16.01
C TRP B 139 -6.44 -2.58 -17.25
N ASN B 140 -5.91 -1.46 -17.74
CA ASN B 140 -5.04 -1.49 -18.91
C ASN B 140 -4.05 -0.33 -18.85
N ALA B 141 -3.30 -0.11 -19.94
CA ALA B 141 -2.29 0.96 -19.99
C ALA B 141 -2.82 2.34 -19.55
N GLN B 142 -4.08 2.60 -19.86
CA GLN B 142 -4.74 3.84 -19.50
C GLN B 142 -4.58 4.16 -18.00
N ARG B 143 -4.62 3.13 -17.16
CA ARG B 143 -4.48 3.31 -15.72
C ARG B 143 -3.13 3.88 -15.31
N GLU B 144 -2.16 3.88 -16.22
CA GLU B 144 -0.84 4.39 -15.87
C GLU B 144 -0.34 5.54 -16.75
N HIS B 145 -1.29 6.21 -17.40
CA HIS B 145 -0.92 7.34 -18.24
C HIS B 145 -1.22 8.57 -17.42
N GLY B 146 -0.20 9.15 -16.79
CA GLY B 146 -0.42 10.33 -15.97
C GLY B 146 -0.98 9.85 -14.63
N ILE B 147 -1.55 10.74 -13.84
CA ILE B 147 -2.11 10.34 -12.55
C ILE B 147 -3.23 9.33 -12.79
N ALA B 148 -4.06 9.61 -13.78
CA ALA B 148 -5.16 8.71 -14.16
C ALA B 148 -6.17 8.36 -13.06
N PRO B 149 -6.95 9.34 -12.61
CA PRO B 149 -7.96 9.10 -11.58
C PRO B 149 -9.05 8.15 -12.09
N ILE B 150 -9.79 7.55 -11.16
CA ILE B 150 -10.84 6.61 -11.46
C ILE B 150 -12.21 7.24 -11.79
N GLN B 151 -12.54 8.34 -11.13
CA GLN B 151 -13.82 8.98 -11.35
C GLN B 151 -13.83 10.43 -10.89
N LEU B 152 -14.78 11.21 -11.43
CA LEU B 152 -14.94 12.58 -10.98
C LEU B 152 -15.67 12.30 -9.67
N ASP B 153 -15.05 12.62 -8.55
CA ASP B 153 -15.69 12.29 -7.30
C ASP B 153 -16.70 13.28 -6.69
N HIS B 154 -16.38 14.56 -6.76
CA HIS B 154 -17.20 15.66 -6.23
C HIS B 154 -16.46 16.98 -6.50
N CYS B 155 -16.93 18.04 -5.85
CA CYS B 155 -16.30 19.34 -5.94
C CYS B 155 -16.68 20.02 -4.64
N LEU B 156 -15.92 21.03 -4.23
CA LEU B 156 -16.24 21.80 -3.05
C LEU B 156 -16.44 23.23 -3.59
N LEU B 157 -17.59 23.80 -3.29
CA LEU B 157 -17.88 25.13 -3.77
C LEU B 157 -17.88 26.17 -2.66
N TYR B 158 -17.48 27.40 -3.01
CA TYR B 158 -17.44 28.50 -2.05
C TYR B 158 -18.53 29.48 -2.44
N GLY B 159 -19.39 29.83 -1.48
CA GLY B 159 -20.50 30.75 -1.74
C GLY B 159 -21.20 31.21 -0.47
N PRO B 160 -22.02 32.26 -0.57
CA PRO B 160 -22.78 32.85 0.55
C PRO B 160 -24.03 32.24 1.20
N ASN B 161 -24.86 31.49 0.51
CA ASN B 161 -26.02 31.07 1.28
C ASN B 161 -26.21 29.58 1.52
N ILE B 162 -25.20 29.00 2.17
CA ILE B 162 -25.14 27.58 2.50
C ILE B 162 -26.37 27.01 3.18
N ALA B 163 -26.94 27.76 4.12
CA ALA B 163 -28.13 27.28 4.81
C ALA B 163 -29.18 26.90 3.78
N GLU B 164 -29.49 27.84 2.89
CA GLU B 164 -30.50 27.61 1.85
C GLU B 164 -30.00 26.58 0.84
N VAL B 165 -28.70 26.52 0.64
CA VAL B 165 -28.15 25.57 -0.31
C VAL B 165 -28.39 24.18 0.29
N GLN B 166 -28.13 24.03 1.58
CA GLN B 166 -28.36 22.73 2.23
C GLN B 166 -29.81 22.32 2.03
N LYS B 167 -30.72 23.28 2.20
CA LYS B 167 -32.15 23.07 2.05
C LYS B 167 -32.48 22.48 0.70
N ILE B 168 -32.12 23.19 -0.35
CA ILE B 168 -32.37 22.74 -1.71
C ILE B 168 -31.89 21.29 -1.96
N PHE B 169 -30.64 20.99 -1.59
CA PHE B 169 -30.10 19.67 -1.83
C PHE B 169 -30.77 18.59 -1.02
N THR B 170 -31.11 18.90 0.23
CA THR B 170 -31.74 17.91 1.09
C THR B 170 -33.22 17.78 0.80
N GLU B 171 -33.90 18.89 0.58
CA GLU B 171 -35.34 18.85 0.34
C GLU B 171 -35.80 18.71 -1.10
N VAL B 172 -35.01 19.18 -2.06
CA VAL B 172 -35.45 19.04 -3.43
C VAL B 172 -34.71 17.94 -4.19
N LEU B 173 -33.38 17.96 -4.11
CA LEU B 173 -32.55 17.02 -4.84
C LEU B 173 -32.32 15.62 -4.25
N GLY B 174 -32.77 15.39 -3.01
CA GLY B 174 -32.64 14.07 -2.41
C GLY B 174 -31.26 13.65 -1.90
N PHE B 175 -30.53 14.62 -1.37
CA PHE B 175 -29.21 14.43 -0.79
C PHE B 175 -29.42 14.39 0.72
N TYR B 176 -28.33 14.20 1.45
CA TYR B 176 -28.38 14.21 2.90
C TYR B 176 -27.03 14.66 3.45
N LEU B 177 -27.06 15.26 4.64
CA LEU B 177 -25.86 15.76 5.29
C LEU B 177 -25.04 14.62 5.88
N VAL B 178 -23.81 14.48 5.43
CA VAL B 178 -22.95 13.44 5.97
C VAL B 178 -22.08 14.03 7.06
N GLU B 179 -21.49 15.19 6.77
CA GLU B 179 -20.64 15.87 7.74
C GLU B 179 -20.91 17.36 7.67
N ARG B 180 -20.58 18.07 8.75
CA ARG B 180 -20.72 19.52 8.78
C ARG B 180 -19.72 20.19 9.72
N VAL B 181 -19.24 21.37 9.34
CA VAL B 181 -18.33 22.12 10.17
C VAL B 181 -19.19 23.20 10.85
N LEU B 182 -19.17 23.17 12.18
CA LEU B 182 -19.91 24.09 13.05
C LEU B 182 -19.30 25.50 13.05
N SER B 183 -20.15 26.52 13.05
CA SER B 183 -19.63 27.88 13.07
C SER B 183 -19.04 28.14 14.45
N PRO B 184 -18.13 29.12 14.56
CA PRO B 184 -17.54 29.40 15.88
C PRO B 184 -18.65 29.56 16.88
N ASP B 185 -18.50 28.95 18.06
CA ASP B 185 -19.52 29.01 19.09
C ASP B 185 -20.94 29.17 18.53
N GLY B 186 -21.35 30.40 18.24
CA GLY B 186 -22.68 30.66 17.68
C GLY B 186 -23.01 29.69 16.55
N ASP B 187 -23.64 28.57 16.91
CA ASP B 187 -23.98 27.48 16.00
C ASP B 187 -24.93 27.60 14.82
N SER B 188 -24.35 27.41 13.65
CA SER B 188 -24.99 27.41 12.35
C SER B 188 -24.02 26.47 11.63
N ASP B 189 -24.05 26.43 10.30
CA ASP B 189 -23.13 25.55 9.60
C ASP B 189 -22.18 26.30 8.66
N MET B 190 -20.89 26.28 8.97
CA MET B 190 -19.87 26.94 8.14
C MET B 190 -19.60 26.10 6.89
N GLY B 191 -19.51 24.79 7.09
CA GLY B 191 -19.24 23.87 6.02
C GLY B 191 -20.28 22.78 5.95
N ILE B 192 -20.48 22.25 4.76
CA ILE B 192 -21.49 21.24 4.48
C ILE B 192 -21.01 20.21 3.44
N TRP B 193 -21.05 18.93 3.82
CA TRP B 193 -20.69 17.82 2.94
C TRP B 193 -21.98 17.02 2.71
N LEU B 194 -22.44 16.97 1.46
CA LEU B 194 -23.70 16.30 1.11
C LEU B 194 -23.55 15.06 0.22
N SER B 195 -24.34 14.02 0.48
CA SER B 195 -24.30 12.82 -0.35
C SER B 195 -25.67 12.50 -0.97
N CYS B 196 -25.65 11.88 -2.14
CA CYS B 196 -26.85 11.47 -2.85
C CYS B 196 -26.65 9.99 -3.18
N SER B 197 -25.74 9.35 -2.44
CA SER B 197 -25.39 7.93 -2.63
C SER B 197 -24.94 7.36 -1.26
N HIS B 198 -23.89 6.54 -1.26
CA HIS B 198 -23.36 6.03 -0.01
C HIS B 198 -21.86 6.36 0.07
N LYS B 199 -21.50 7.48 -0.56
CA LYS B 199 -20.16 8.01 -0.56
C LYS B 199 -20.20 9.10 0.51
N VAL B 200 -19.06 9.42 1.09
CA VAL B 200 -18.97 10.47 2.10
C VAL B 200 -19.66 11.73 1.57
N HIS B 201 -19.38 12.11 0.32
CA HIS B 201 -20.03 13.26 -0.29
C HIS B 201 -19.87 13.28 -1.81
N ASP B 202 -20.85 13.89 -2.48
CA ASP B 202 -20.90 14.02 -3.94
C ASP B 202 -20.66 15.49 -4.25
N ILE B 203 -20.82 16.33 -3.23
CA ILE B 203 -20.59 17.77 -3.37
C ILE B 203 -20.42 18.40 -1.98
N ALA B 204 -19.74 19.54 -1.91
CA ALA B 204 -19.52 20.19 -0.63
C ALA B 204 -19.47 21.71 -0.78
N PHE B 205 -20.02 22.41 0.22
CA PHE B 205 -20.05 23.87 0.23
C PHE B 205 -19.47 24.42 1.52
N VAL B 206 -18.86 25.59 1.41
CA VAL B 206 -18.28 26.31 2.53
C VAL B 206 -18.74 27.76 2.47
N GLU B 207 -19.33 28.26 3.55
CA GLU B 207 -19.80 29.64 3.60
C GLU B 207 -18.66 30.60 3.27
N TYR B 208 -18.90 31.49 2.31
CA TYR B 208 -17.91 32.45 1.84
C TYR B 208 -18.69 33.60 1.19
N PRO B 209 -18.32 34.86 1.49
CA PRO B 209 -19.01 36.04 0.95
C PRO B 209 -19.07 36.23 -0.57
N GLU B 210 -18.07 35.73 -1.29
CA GLU B 210 -18.08 35.85 -2.75
C GLU B 210 -18.83 34.68 -3.39
N LYS B 211 -19.67 34.97 -4.37
CA LYS B 211 -20.48 33.96 -5.04
C LYS B 211 -19.80 33.16 -6.18
N GLY B 212 -20.32 31.97 -6.44
CA GLY B 212 -19.79 31.16 -7.52
C GLY B 212 -18.35 30.66 -7.42
N LYS B 213 -17.66 30.89 -6.31
CA LYS B 213 -16.28 30.43 -6.23
C LYS B 213 -16.13 28.92 -6.20
N LEU B 214 -15.05 28.45 -6.82
CA LEU B 214 -14.69 27.04 -6.93
C LEU B 214 -13.49 26.77 -6.02
N HIS B 215 -13.65 25.88 -5.04
CA HIS B 215 -12.51 25.57 -4.19
C HIS B 215 -11.73 24.47 -4.87
N HIS B 216 -12.44 23.45 -5.34
CA HIS B 216 -11.78 22.36 -6.07
C HIS B 216 -12.70 21.28 -6.62
N CYS B 217 -12.28 20.67 -7.72
CA CYS B 217 -13.01 19.54 -8.27
C CYS B 217 -12.20 18.35 -7.74
N SER B 218 -12.86 17.24 -7.45
CA SER B 218 -12.16 16.11 -6.89
C SER B 218 -12.12 14.85 -7.72
N PHE B 219 -10.96 14.21 -7.70
CA PHE B 219 -10.73 12.99 -8.45
C PHE B 219 -10.23 11.87 -7.55
N LEU B 220 -10.84 10.70 -7.67
CA LEU B 220 -10.53 9.53 -6.85
C LEU B 220 -9.42 8.60 -7.35
N LEU B 221 -8.55 8.18 -6.43
CA LEU B 221 -7.48 7.27 -6.77
C LEU B 221 -7.77 5.95 -6.07
N GLU B 222 -7.08 4.88 -6.47
CA GLU B 222 -7.29 3.57 -5.89
C GLU B 222 -6.68 3.38 -4.50
N SER B 223 -5.47 3.88 -4.29
CA SER B 223 -4.81 3.66 -3.01
C SER B 223 -3.92 4.78 -2.51
N TRP B 224 -3.48 4.65 -1.27
CA TRP B 224 -2.59 5.63 -0.66
C TRP B 224 -1.33 5.64 -1.52
N GLU B 225 -1.03 4.48 -2.07
CA GLU B 225 0.13 4.33 -2.92
C GLU B 225 -0.05 5.17 -4.21
N GLN B 226 -1.26 5.20 -4.75
CA GLN B 226 -1.50 6.01 -5.92
C GLN B 226 -1.48 7.52 -5.59
N VAL B 227 -1.80 7.87 -4.35
CA VAL B 227 -1.77 9.26 -3.97
C VAL B 227 -0.31 9.66 -3.88
N LEU B 228 0.51 8.76 -3.37
CA LEU B 228 1.93 9.02 -3.28
C LEU B 228 2.49 9.13 -4.71
N ARG B 229 1.99 8.30 -5.61
CA ARG B 229 2.46 8.34 -6.99
C ARG B 229 2.05 9.67 -7.64
N ALA B 230 0.83 10.10 -7.34
CA ALA B 230 0.33 11.34 -7.91
C ALA B 230 1.25 12.48 -7.49
N GLY B 231 1.70 12.44 -6.25
CA GLY B 231 2.61 13.48 -5.77
C GLY B 231 3.90 13.50 -6.58
N ASP B 232 4.40 12.32 -6.95
CA ASP B 232 5.63 12.21 -7.73
C ASP B 232 5.43 12.78 -9.13
N ILE B 233 4.37 12.35 -9.80
CA ILE B 233 4.08 12.86 -11.13
C ILE B 233 3.96 14.41 -11.09
N MET B 234 3.28 14.95 -10.09
CA MET B 234 3.13 16.41 -9.96
C MET B 234 4.47 17.12 -9.80
N SER B 235 5.36 16.49 -9.04
CA SER B 235 6.69 17.02 -8.80
C SER B 235 7.47 17.02 -10.10
N MET B 236 7.42 15.90 -10.81
CA MET B 236 8.15 15.78 -12.06
C MET B 236 7.69 16.82 -13.08
N ASN B 237 6.41 17.19 -13.07
CA ASN B 237 5.88 18.15 -14.02
C ASN B 237 5.76 19.59 -13.51
N GLU B 238 6.46 19.87 -12.42
CA GLU B 238 6.47 21.22 -11.84
C GLU B 238 5.09 21.75 -11.51
N VAL B 239 4.16 20.85 -11.21
CA VAL B 239 2.81 21.26 -10.87
C VAL B 239 2.87 22.02 -9.57
N ASN B 240 2.07 23.07 -9.44
CA ASN B 240 2.06 23.84 -8.20
C ASN B 240 1.11 23.12 -7.27
N VAL B 241 1.67 22.56 -6.21
CA VAL B 241 0.91 21.80 -5.22
C VAL B 241 0.46 22.66 -4.06
N ASP B 242 -0.84 22.64 -3.77
CA ASP B 242 -1.35 23.44 -2.66
C ASP B 242 -0.92 22.83 -1.32
N ILE B 243 -1.54 21.73 -0.92
CA ILE B 243 -1.16 21.12 0.34
C ILE B 243 -0.91 19.64 0.06
N GLY B 244 0.35 19.25 0.32
CA GLY B 244 0.87 17.91 0.07
C GLY B 244 0.03 16.76 0.56
N PRO B 245 0.43 15.52 0.27
CA PRO B 245 -0.29 14.31 0.69
C PRO B 245 -0.59 14.33 2.18
N THR B 246 -1.85 14.20 2.57
CA THR B 246 -2.14 14.23 3.99
C THR B 246 -3.51 13.65 4.33
N ARG B 247 -3.70 13.33 5.61
CA ARG B 247 -4.96 12.76 6.11
C ARG B 247 -5.93 13.85 6.54
N HIS B 248 -6.88 14.17 5.66
CA HIS B 248 -7.87 15.20 5.95
C HIS B 248 -8.86 14.66 7.00
N GLY B 249 -9.05 15.41 8.08
CA GLY B 249 -9.95 14.99 9.13
C GLY B 249 -11.41 14.89 8.71
N VAL B 250 -11.93 16.01 8.19
CA VAL B 250 -13.33 16.10 7.77
C VAL B 250 -13.72 15.30 6.53
N THR B 251 -13.34 14.03 6.48
CA THR B 251 -13.65 13.17 5.33
C THR B 251 -12.82 11.87 5.38
N ARG B 252 -11.75 11.90 6.18
CA ARG B 252 -10.83 10.78 6.33
C ARG B 252 -9.99 10.58 5.06
N GLY B 253 -10.33 11.30 3.99
CA GLY B 253 -9.59 11.12 2.75
C GLY B 253 -8.12 11.50 2.85
N CYS B 254 -7.28 10.74 2.14
CA CYS B 254 -5.85 10.99 2.10
C CYS B 254 -5.70 11.63 0.72
N THR B 255 -5.36 12.92 0.75
CA THR B 255 -5.37 13.69 -0.47
C THR B 255 -4.21 14.64 -0.73
N ILE B 256 -4.29 15.26 -1.90
CA ILE B 256 -3.35 16.25 -2.36
C ILE B 256 -4.16 17.32 -3.08
N TYR B 257 -3.89 18.58 -2.75
CA TYR B 257 -4.56 19.67 -3.44
C TYR B 257 -3.48 20.22 -4.34
N ALA B 258 -3.79 20.37 -5.62
CA ALA B 258 -2.81 20.91 -6.55
C ALA B 258 -3.49 21.92 -7.46
N TRP B 259 -2.66 22.69 -8.17
CA TRP B 259 -3.18 23.70 -9.09
C TRP B 259 -2.98 23.47 -10.58
N ASP B 260 -4.08 23.70 -11.28
CA ASP B 260 -4.24 23.66 -12.73
C ASP B 260 -3.26 24.72 -13.27
N PRO B 261 -2.90 24.67 -14.55
CA PRO B 261 -1.99 25.74 -14.96
C PRO B 261 -2.69 27.12 -14.92
N SER B 262 -4.03 27.12 -14.92
CA SER B 262 -4.82 28.36 -14.88
C SER B 262 -5.19 28.83 -13.48
N GLY B 263 -4.92 28.02 -12.47
CA GLY B 263 -5.25 28.40 -11.11
C GLY B 263 -6.44 27.64 -10.52
N ASN B 264 -7.07 26.77 -11.32
CA ASN B 264 -8.19 25.98 -10.85
C ASN B 264 -7.60 24.90 -9.95
N ARG B 265 -7.97 24.87 -8.68
CA ARG B 265 -7.44 23.84 -7.81
C ARG B 265 -8.19 22.53 -8.07
N PHE B 266 -7.48 21.42 -7.95
CA PHE B 266 -8.06 20.09 -8.12
C PHE B 266 -7.47 19.17 -7.07
N GLU B 267 -8.16 18.08 -6.78
CA GLU B 267 -7.72 17.11 -5.77
C GLU B 267 -7.70 15.67 -6.23
N THR B 268 -6.72 14.92 -5.75
CA THR B 268 -6.59 13.49 -6.01
C THR B 268 -6.50 12.90 -4.59
N PHE B 269 -7.40 11.99 -4.26
CA PHE B 269 -7.42 11.38 -2.93
C PHE B 269 -8.07 10.00 -2.98
N MET B 270 -8.05 9.30 -1.85
CA MET B 270 -8.71 8.01 -1.72
C MET B 270 -9.08 7.89 -0.27
N GLY B 271 -9.89 6.89 0.06
CA GLY B 271 -10.28 6.70 1.45
C GLY B 271 -11.57 7.38 1.88
N GLY B 272 -11.99 7.06 3.10
CA GLY B 272 -13.22 7.60 3.65
C GLY B 272 -14.01 6.44 4.27
N TYR B 273 -15.32 6.60 4.44
CA TYR B 273 -16.13 5.52 5.00
C TYR B 273 -17.34 5.32 4.09
N HIS B 274 -18.30 4.49 4.50
CA HIS B 274 -19.46 4.19 3.66
C HIS B 274 -20.82 4.53 4.29
N PRO B 275 -21.15 5.83 4.35
CA PRO B 275 -22.41 6.30 4.92
C PRO B 275 -23.65 6.04 4.06
N TYR B 276 -24.80 6.01 4.72
CA TYR B 276 -26.09 5.79 4.04
C TYR B 276 -27.12 6.79 4.55
N PRO B 277 -28.21 7.00 3.79
CA PRO B 277 -29.32 7.93 4.10
C PRO B 277 -29.86 7.87 5.53
N ASP B 278 -29.77 6.70 6.17
CA ASP B 278 -30.29 6.56 7.54
C ASP B 278 -29.30 7.00 8.62
N TYR B 279 -28.09 7.39 8.23
CA TYR B 279 -27.07 7.83 9.20
C TYR B 279 -27.18 9.30 9.56
N GLU B 280 -26.89 9.62 10.82
CA GLU B 280 -26.89 10.99 11.26
C GLU B 280 -25.51 11.48 10.87
N PRO B 281 -25.37 12.79 10.59
CA PRO B 281 -24.09 13.39 10.19
C PRO B 281 -23.05 13.62 11.30
N LEU B 282 -21.77 13.65 10.93
CA LEU B 282 -20.70 13.89 11.88
C LEU B 282 -20.50 15.41 11.92
N SER B 283 -19.89 15.93 12.98
CA SER B 283 -19.66 17.36 13.07
C SER B 283 -18.26 17.72 13.56
N TRP B 284 -17.79 18.87 13.10
CA TRP B 284 -16.49 19.41 13.47
C TRP B 284 -16.65 20.82 14.08
N THR B 285 -15.94 21.11 15.17
CA THR B 285 -16.05 22.44 15.74
C THR B 285 -15.22 23.37 14.88
N TYR B 286 -15.57 24.66 14.88
CA TYR B 286 -14.90 25.67 14.08
C TYR B 286 -13.39 25.70 14.28
N ASP B 287 -12.93 25.81 15.52
CA ASP B 287 -11.49 25.84 15.73
C ASP B 287 -10.86 24.58 15.16
N ASN B 288 -11.43 23.42 15.48
CA ASN B 288 -10.91 22.16 14.96
C ASN B 288 -10.79 22.30 13.45
N PHE B 289 -11.82 22.86 12.83
CA PHE B 289 -11.85 23.10 11.40
C PHE B 289 -10.66 23.99 11.06
N ALA C 2 -29.88 9.42 -5.07
CA ALA C 2 -30.19 9.04 -3.67
C ALA C 2 -30.35 7.54 -3.51
N MET C 3 -30.10 7.07 -2.30
CA MET C 3 -30.25 5.66 -1.96
C MET C 3 -31.64 5.42 -1.41
N THR C 4 -32.50 4.81 -2.21
CA THR C 4 -33.87 4.50 -1.79
C THR C 4 -34.08 2.98 -1.83
N GLY C 5 -35.28 2.53 -1.47
CA GLY C 5 -35.59 1.11 -1.47
C GLY C 5 -34.66 0.29 -0.58
N VAL C 6 -34.09 -0.76 -1.15
CA VAL C 6 -33.18 -1.59 -0.41
C VAL C 6 -31.82 -0.88 -0.41
N LEU C 7 -31.38 -0.50 0.78
CA LEU C 7 -30.13 0.19 0.91
C LEU C 7 -28.90 -0.72 0.85
N ARG C 8 -28.76 -1.60 1.83
CA ARG C 8 -27.56 -2.45 1.90
C ARG C 8 -27.78 -3.74 2.68
N PRO C 9 -26.84 -4.70 2.56
CA PRO C 9 -26.93 -5.96 3.28
C PRO C 9 -27.03 -5.63 4.77
N GLY C 10 -28.08 -6.09 5.43
CA GLY C 10 -28.26 -5.79 6.84
C GLY C 10 -27.64 -6.75 7.81
N HIS C 11 -27.89 -8.04 7.63
CA HIS C 11 -27.32 -9.02 8.55
C HIS C 11 -27.36 -10.45 8.02
N ALA C 12 -26.49 -11.28 8.57
CA ALA C 12 -26.47 -12.66 8.17
C ALA C 12 -26.44 -13.46 9.46
N GLN C 13 -27.32 -14.45 9.59
CA GLN C 13 -27.31 -15.32 10.76
C GLN C 13 -26.80 -16.65 10.22
N VAL C 14 -25.72 -17.13 10.84
CA VAL C 14 -25.08 -18.35 10.45
C VAL C 14 -25.01 -19.31 11.63
N ARG C 15 -25.00 -20.60 11.35
CA ARG C 15 -24.96 -21.60 12.42
C ARG C 15 -23.54 -22.08 12.70
N VAL C 16 -23.18 -22.16 13.98
CA VAL C 16 -21.86 -22.63 14.36
C VAL C 16 -21.94 -23.86 15.26
N LEU C 17 -21.25 -24.92 14.88
CA LEU C 17 -21.25 -26.16 15.63
C LEU C 17 -20.93 -25.96 17.12
N ASN C 18 -20.28 -24.86 17.43
CA ASN C 18 -19.90 -24.56 18.81
C ASN C 18 -19.78 -23.09 19.11
N LEU C 19 -20.74 -22.59 19.90
CA LEU C 19 -20.81 -21.20 20.30
C LEU C 19 -19.51 -20.60 20.80
N GLU C 20 -18.94 -21.18 21.85
CA GLU C 20 -17.71 -20.67 22.41
C GLU C 20 -16.56 -20.52 21.42
N GLU C 21 -16.40 -21.45 20.48
CA GLU C 21 -15.29 -21.32 19.54
C GLU C 21 -15.62 -20.31 18.45
N GLY C 22 -16.92 -20.15 18.20
CA GLY C 22 -17.36 -19.19 17.21
C GLY C 22 -17.19 -17.79 17.80
N ILE C 23 -17.59 -17.65 19.06
CA ILE C 23 -17.50 -16.37 19.78
C ILE C 23 -16.05 -15.92 19.86
N HIS C 24 -15.14 -16.86 19.98
CA HIS C 24 -13.73 -16.51 20.05
C HIS C 24 -13.24 -16.09 18.67
N PHE C 25 -13.53 -16.91 17.66
CA PHE C 25 -13.09 -16.62 16.30
C PHE C 25 -13.52 -15.27 15.73
N TYR C 26 -14.82 -15.01 15.76
CA TYR C 26 -15.36 -13.78 15.21
C TYR C 26 -15.00 -12.56 16.03
N ARG C 27 -14.93 -12.75 17.34
CA ARG C 27 -14.60 -11.66 18.21
C ARG C 27 -13.10 -11.34 18.17
N ASN C 28 -12.27 -12.37 18.29
CA ASN C 28 -10.82 -12.20 18.33
C ASN C 28 -9.96 -12.44 17.09
N VAL C 29 -10.49 -13.17 16.10
CA VAL C 29 -9.74 -13.38 14.88
C VAL C 29 -10.30 -12.46 13.78
N LEU C 30 -11.60 -12.57 13.51
CA LEU C 30 -12.19 -11.73 12.48
C LEU C 30 -12.19 -10.30 12.98
N GLY C 31 -12.43 -10.11 14.27
CA GLY C 31 -12.37 -8.77 14.78
C GLY C 31 -13.67 -8.01 14.74
N LEU C 32 -14.77 -8.75 14.63
CA LEU C 32 -16.11 -8.17 14.64
C LEU C 32 -16.29 -7.71 16.09
N VAL C 33 -17.15 -6.73 16.32
CA VAL C 33 -17.40 -6.25 17.68
C VAL C 33 -18.66 -6.93 18.17
N GLU C 34 -18.59 -7.60 19.32
CA GLU C 34 -19.76 -8.26 19.87
C GLU C 34 -20.72 -7.21 20.42
N THR C 35 -21.96 -7.19 19.94
CA THR C 35 -22.92 -6.20 20.44
C THR C 35 -23.91 -6.76 21.46
N GLY C 36 -24.27 -8.03 21.32
CA GLY C 36 -25.20 -8.60 22.27
C GLY C 36 -25.48 -10.09 22.17
N ARG C 37 -26.27 -10.58 23.11
CA ARG C 37 -26.65 -11.98 23.18
C ARG C 37 -28.06 -12.03 23.79
N ASP C 38 -28.96 -12.77 23.14
CA ASP C 38 -30.33 -12.88 23.64
C ASP C 38 -30.61 -14.19 24.35
N ASP C 39 -31.88 -14.44 24.66
CA ASP C 39 -32.29 -15.64 25.37
C ASP C 39 -32.46 -16.91 24.52
N GLN C 40 -32.14 -16.85 23.24
CA GLN C 40 -32.29 -18.04 22.39
C GLN C 40 -30.93 -18.65 22.12
N GLY C 41 -29.88 -18.02 22.62
CA GLY C 41 -28.54 -18.53 22.40
C GLY C 41 -27.77 -17.93 21.25
N ARG C 42 -28.23 -16.79 20.73
CA ARG C 42 -27.52 -16.14 19.64
C ARG C 42 -26.69 -15.02 20.22
N VAL C 43 -25.49 -14.81 19.67
CA VAL C 43 -24.63 -13.72 20.09
C VAL C 43 -24.58 -12.79 18.87
N TYR C 44 -24.57 -11.47 19.13
CA TYR C 44 -24.57 -10.47 18.07
C TYR C 44 -23.28 -9.71 17.78
N PHE C 45 -23.00 -9.54 16.49
CA PHE C 45 -21.80 -8.82 16.05
C PHE C 45 -22.07 -7.78 14.96
N LYS C 46 -21.23 -6.75 14.95
CA LYS C 46 -21.28 -5.68 13.96
C LYS C 46 -19.82 -5.33 13.69
N CYS C 47 -19.53 -4.78 12.51
CA CYS C 47 -18.20 -4.36 12.18
C CYS C 47 -17.94 -3.10 13.00
N TRP C 48 -16.69 -2.86 13.36
CA TRP C 48 -16.40 -1.70 14.18
C TRP C 48 -16.82 -0.41 13.53
N ASP C 49 -16.63 -0.27 12.22
CA ASP C 49 -16.96 0.98 11.53
C ASP C 49 -18.43 1.15 11.12
N GLU C 50 -19.23 0.07 11.18
CA GLU C 50 -20.64 0.21 10.83
C GLU C 50 -21.28 0.97 11.97
N ARG C 51 -22.58 1.29 11.84
CA ARG C 51 -23.28 1.99 12.92
C ARG C 51 -24.43 1.22 13.58
N ASP C 52 -25.05 0.31 12.84
CA ASP C 52 -26.16 -0.46 13.34
C ASP C 52 -25.74 -1.62 14.24
N HIS C 53 -26.59 -1.92 15.21
CA HIS C 53 -26.36 -2.99 16.19
C HIS C 53 -25.85 -4.34 15.70
N SER C 54 -26.12 -4.73 14.46
CA SER C 54 -25.62 -6.01 14.02
C SER C 54 -25.65 -6.23 12.52
N CYS C 55 -24.68 -7.02 12.05
CA CYS C 55 -24.58 -7.39 10.64
C CYS C 55 -24.31 -8.90 10.58
N TYR C 56 -23.91 -9.48 11.70
CA TYR C 56 -23.58 -10.91 11.75
C TYR C 56 -24.02 -11.58 13.07
N ILE C 57 -24.95 -12.52 13.00
CA ILE C 57 -25.46 -13.22 14.20
C ILE C 57 -25.26 -14.73 14.09
N ILE C 58 -24.56 -15.31 15.07
CA ILE C 58 -24.30 -16.75 15.05
C ILE C 58 -25.13 -17.56 16.08
N ARG C 59 -25.49 -18.77 15.69
CA ARG C 59 -26.32 -19.65 16.50
C ARG C 59 -25.77 -21.09 16.54
N GLU C 60 -25.80 -21.70 17.73
CA GLU C 60 -25.31 -23.07 17.91
C GLU C 60 -26.32 -24.08 17.36
N ALA C 61 -25.93 -24.81 16.31
CA ALA C 61 -26.82 -25.79 15.71
C ALA C 61 -26.11 -27.09 15.37
N ASP C 62 -26.85 -28.00 14.73
CA ASP C 62 -26.34 -29.30 14.33
C ASP C 62 -25.50 -29.25 13.07
N THR C 63 -25.72 -28.21 12.27
CA THR C 63 -24.98 -28.04 11.02
C THR C 63 -24.49 -26.62 10.84
N ALA C 64 -23.69 -26.44 9.80
CA ALA C 64 -23.12 -25.14 9.46
C ALA C 64 -23.67 -24.62 8.14
N GLY C 65 -24.43 -23.54 8.24
CA GLY C 65 -25.01 -22.92 7.07
C GLY C 65 -25.58 -21.58 7.50
N ILE C 66 -26.30 -20.95 6.59
CA ILE C 66 -26.89 -19.67 6.89
C ILE C 66 -28.39 -19.87 7.17
N ASP C 67 -28.87 -19.32 8.28
CA ASP C 67 -30.29 -19.42 8.57
C ASP C 67 -30.93 -18.40 7.64
N PHE C 68 -30.62 -17.13 7.85
CA PHE C 68 -31.17 -16.08 7.02
C PHE C 68 -30.23 -14.90 6.80
N PHE C 69 -30.52 -14.13 5.75
CA PHE C 69 -29.74 -12.96 5.36
C PHE C 69 -30.69 -11.78 5.11
N GLY C 70 -30.62 -10.75 5.95
CA GLY C 70 -31.50 -9.61 5.78
C GLY C 70 -30.90 -8.33 5.23
N PHE C 71 -31.68 -7.62 4.43
CA PHE C 71 -31.30 -6.35 3.81
C PHE C 71 -32.04 -5.21 4.50
N LYS C 72 -31.35 -4.11 4.81
CA LYS C 72 -32.03 -2.97 5.42
C LYS C 72 -32.63 -2.10 4.32
N VAL C 73 -33.84 -1.59 4.54
CA VAL C 73 -34.49 -0.73 3.55
C VAL C 73 -34.57 0.71 4.06
N LEU C 74 -34.83 1.65 3.15
CA LEU C 74 -34.90 3.07 3.48
C LEU C 74 -35.78 3.46 4.66
N ASP C 75 -37.02 2.96 4.69
CA ASP C 75 -37.98 3.30 5.74
C ASP C 75 -39.17 2.33 5.81
N LYS C 76 -40.03 2.52 6.81
CA LYS C 76 -41.21 1.68 7.02
C LYS C 76 -42.14 1.61 5.83
N ALA C 77 -42.39 2.76 5.19
CA ALA C 77 -43.27 2.80 4.04
C ALA C 77 -42.65 1.93 2.94
N THR C 78 -41.32 1.98 2.84
CA THR C 78 -40.60 1.19 1.84
C THR C 78 -40.72 -0.29 2.18
N LEU C 79 -40.82 -0.59 3.47
CA LEU C 79 -40.94 -1.97 3.91
C LEU C 79 -42.30 -2.54 3.53
N GLU C 80 -43.36 -1.80 3.83
CA GLU C 80 -44.73 -2.23 3.51
C GLU C 80 -44.86 -2.33 1.99
N LYS C 81 -44.31 -1.32 1.33
CA LYS C 81 -44.31 -1.22 -0.13
C LYS C 81 -43.70 -2.49 -0.71
N LEU C 82 -42.47 -2.78 -0.29
CA LEU C 82 -41.73 -3.96 -0.75
C LEU C 82 -42.44 -5.29 -0.48
N ASP C 83 -42.98 -5.44 0.71
CA ASP C 83 -43.67 -6.67 1.06
C ASP C 83 -44.86 -6.91 0.12
N ALA C 84 -45.62 -5.86 -0.11
CA ALA C 84 -46.80 -5.96 -0.95
C ALA C 84 -46.48 -6.36 -2.38
N ASP C 85 -45.32 -5.92 -2.88
CA ASP C 85 -44.95 -6.25 -4.25
C ASP C 85 -44.40 -7.66 -4.38
N LEU C 86 -43.96 -8.21 -3.26
CA LEU C 86 -43.42 -9.56 -3.26
C LEU C 86 -44.64 -10.45 -3.45
N GLN C 87 -45.63 -10.23 -2.58
CA GLN C 87 -46.87 -10.97 -2.64
C GLN C 87 -47.51 -10.83 -4.01
N ALA C 88 -47.57 -9.59 -4.49
CA ALA C 88 -48.14 -9.37 -5.81
C ALA C 88 -47.28 -10.08 -6.85
N TYR C 89 -46.11 -10.57 -6.43
CA TYR C 89 -45.24 -11.26 -7.36
C TYR C 89 -45.49 -12.76 -7.33
N GLY C 90 -46.05 -13.22 -6.22
CA GLY C 90 -46.34 -14.63 -6.09
C GLY C 90 -45.51 -15.29 -5.02
N LEU C 91 -45.00 -14.49 -4.10
CA LEU C 91 -44.18 -14.98 -3.00
C LEU C 91 -44.91 -14.78 -1.71
N THR C 92 -44.96 -15.80 -0.87
CA THR C 92 -45.62 -15.63 0.41
C THR C 92 -44.56 -14.99 1.29
N THR C 93 -45.02 -14.14 2.20
CA THR C 93 -44.11 -13.44 3.10
C THR C 93 -44.53 -13.62 4.56
N THR C 94 -43.57 -14.02 5.39
CA THR C 94 -43.79 -14.21 6.81
C THR C 94 -43.43 -12.87 7.44
N ARG C 95 -44.06 -12.54 8.57
CA ARG C 95 -43.75 -11.27 9.21
C ARG C 95 -43.22 -11.49 10.62
N ILE C 96 -41.90 -11.37 10.77
CA ILE C 96 -41.28 -11.55 12.09
C ILE C 96 -41.47 -10.26 12.87
N PRO C 97 -42.13 -10.35 14.03
CA PRO C 97 -42.40 -9.19 14.88
C PRO C 97 -41.15 -8.54 15.46
N ALA C 98 -41.27 -7.23 15.70
CA ALA C 98 -40.18 -6.45 16.26
C ALA C 98 -39.77 -7.06 17.59
N GLY C 99 -38.51 -6.88 17.94
CA GLY C 99 -38.01 -7.42 19.19
C GLY C 99 -37.51 -8.84 19.06
N GLU C 100 -38.15 -9.64 18.19
CA GLU C 100 -37.73 -11.03 18.01
C GLU C 100 -36.21 -11.12 18.06
N MET C 101 -35.56 -10.31 17.22
CA MET C 101 -34.11 -10.23 17.16
C MET C 101 -33.77 -8.98 17.98
N LEU C 102 -32.73 -9.07 18.82
CA LEU C 102 -32.33 -7.95 19.66
C LEU C 102 -32.15 -6.64 18.87
N GLU C 103 -32.61 -5.54 19.47
CA GLU C 103 -32.51 -4.22 18.88
C GLU C 103 -33.02 -4.16 17.44
N THR C 104 -33.85 -5.11 17.04
CA THR C 104 -34.34 -5.14 15.67
C THR C 104 -35.85 -5.12 15.55
N GLY C 105 -36.34 -4.25 14.68
CA GLY C 105 -37.78 -4.14 14.47
C GLY C 105 -38.34 -5.26 13.62
N GLU C 106 -39.64 -5.18 13.33
CA GLU C 106 -40.30 -6.20 12.52
C GLU C 106 -39.52 -6.37 11.22
N ARG C 107 -39.69 -7.50 10.55
CA ARG C 107 -38.98 -7.74 9.31
C ARG C 107 -39.77 -8.67 8.39
N VAL C 108 -39.79 -8.33 7.11
CA VAL C 108 -40.48 -9.12 6.11
C VAL C 108 -39.56 -10.24 5.67
N ARG C 109 -40.04 -11.49 5.69
CA ARG C 109 -39.22 -12.62 5.26
C ARG C 109 -39.90 -13.54 4.25
N PHE C 110 -39.15 -13.95 3.24
CA PHE C 110 -39.66 -14.83 2.20
C PHE C 110 -38.58 -15.82 1.80
N GLU C 111 -38.89 -16.67 0.83
CA GLU C 111 -37.93 -17.66 0.37
C GLU C 111 -37.72 -17.59 -1.14
N LEU C 112 -36.49 -17.69 -1.57
CA LEU C 112 -36.17 -17.63 -2.98
C LEU C 112 -36.31 -19.02 -3.59
N PRO C 113 -36.44 -19.10 -4.91
CA PRO C 113 -36.56 -20.40 -5.57
C PRO C 113 -35.27 -21.18 -5.39
N SER C 114 -34.23 -20.49 -4.91
CA SER C 114 -32.93 -21.13 -4.70
C SER C 114 -32.90 -21.73 -3.30
N GLY C 115 -34.01 -21.59 -2.59
CA GLY C 115 -34.10 -22.14 -1.25
C GLY C 115 -33.61 -21.28 -0.09
N HIS C 116 -33.00 -20.14 -0.38
CA HIS C 116 -32.51 -19.32 0.73
C HIS C 116 -33.58 -18.39 1.29
N LEU C 117 -33.43 -18.05 2.56
CA LEU C 117 -34.36 -17.16 3.24
C LEU C 117 -33.82 -15.73 3.24
N ILE C 118 -34.65 -14.79 2.77
CA ILE C 118 -34.24 -13.40 2.72
C ILE C 118 -35.12 -12.53 3.63
N GLU C 119 -34.51 -11.58 4.31
CA GLU C 119 -35.28 -10.68 5.17
C GLU C 119 -35.16 -9.23 4.67
N LEU C 120 -36.11 -8.42 5.10
CA LEU C 120 -36.16 -7.02 4.75
C LEU C 120 -36.64 -6.30 6.01
N TYR C 121 -35.93 -5.25 6.42
CA TYR C 121 -36.34 -4.52 7.60
C TYR C 121 -36.02 -3.05 7.46
N ALA C 122 -36.72 -2.23 8.25
CA ALA C 122 -36.53 -0.79 8.19
C ALA C 122 -35.92 -0.24 9.46
N GLU C 123 -35.91 -1.01 10.54
CA GLU C 123 -35.35 -0.50 11.79
C GLU C 123 -34.40 -1.44 12.49
N LYS C 124 -33.35 -0.86 13.07
CA LYS C 124 -32.34 -1.58 13.85
C LYS C 124 -31.59 -0.48 14.59
N THR C 125 -31.38 -0.66 15.87
CA THR C 125 -30.72 0.38 16.65
C THR C 125 -29.33 0.80 16.21
N CYS C 126 -29.19 2.11 16.03
CA CYS C 126 -27.93 2.70 15.64
C CYS C 126 -27.06 2.85 16.86
N VAL C 127 -26.10 1.94 17.00
CA VAL C 127 -25.19 1.95 18.13
C VAL C 127 -23.98 2.84 17.90
N GLY C 128 -23.65 3.10 16.64
CA GLY C 128 -22.49 3.94 16.35
C GLY C 128 -21.25 3.11 16.08
N ASN C 129 -20.13 3.76 15.81
CA ASN C 129 -18.88 3.05 15.51
C ASN C 129 -17.83 3.23 16.59
N GLY C 130 -18.27 3.40 17.82
CA GLY C 130 -17.34 3.58 18.91
C GLY C 130 -16.44 4.79 18.84
N ILE C 131 -16.72 5.73 17.96
CA ILE C 131 -15.92 6.95 17.86
C ILE C 131 -16.86 8.13 18.03
N SER C 132 -16.36 9.25 18.55
CA SER C 132 -17.20 10.43 18.77
C SER C 132 -17.91 10.97 17.53
N GLU C 133 -19.00 11.69 17.72
CA GLU C 133 -19.73 12.26 16.58
C GLU C 133 -19.27 13.68 16.32
N VAL C 134 -18.41 14.19 17.21
CA VAL C 134 -17.87 15.53 17.04
C VAL C 134 -16.35 15.38 17.08
N ASN C 135 -15.68 15.87 16.04
CA ASN C 135 -14.23 15.76 15.93
C ASN C 135 -13.78 14.30 16.06
N PRO C 136 -14.35 13.39 15.25
CA PRO C 136 -13.96 11.98 15.34
C PRO C 136 -12.44 11.79 15.29
N ALA C 137 -11.91 11.02 16.23
CA ALA C 137 -10.49 10.75 16.30
C ALA C 137 -9.95 10.22 14.98
N PRO C 138 -8.69 10.55 14.66
CA PRO C 138 -8.05 10.11 13.41
C PRO C 138 -7.93 8.57 13.31
N TRP C 139 -8.14 7.87 14.43
CA TRP C 139 -8.09 6.41 14.46
C TRP C 139 -8.31 5.83 15.85
N ASN C 140 -8.81 4.59 15.91
CA ASN C 140 -9.07 3.91 17.17
C ASN C 140 -8.45 2.51 17.20
N ALA C 141 -8.25 1.99 18.40
CA ALA C 141 -7.63 0.68 18.61
C ALA C 141 -8.45 -0.48 18.07
N GLN C 142 -9.74 -0.24 17.87
CA GLN C 142 -10.65 -1.25 17.36
C GLN C 142 -10.28 -1.63 15.94
N ARG C 143 -9.79 -0.63 15.21
CA ARG C 143 -9.38 -0.75 13.82
C ARG C 143 -8.29 -1.81 13.64
N GLU C 144 -7.60 -2.14 14.72
CA GLU C 144 -6.52 -3.12 14.63
C GLU C 144 -6.74 -4.32 15.54
N HIS C 145 -7.99 -4.54 15.95
CA HIS C 145 -8.34 -5.69 16.79
C HIS C 145 -8.74 -6.84 15.89
N GLY C 146 -7.81 -7.75 15.66
CA GLY C 146 -8.06 -8.85 14.76
C GLY C 146 -8.03 -8.28 13.36
N ILE C 147 -8.57 -9.02 12.38
CA ILE C 147 -8.62 -8.55 10.99
C ILE C 147 -9.39 -7.23 10.96
N ALA C 148 -10.56 -7.23 11.58
CA ALA C 148 -11.37 -6.02 11.72
C ALA C 148 -11.94 -5.41 10.45
N PRO C 149 -12.79 -6.14 9.73
CA PRO C 149 -13.36 -5.57 8.51
C PRO C 149 -14.20 -4.33 8.81
N ILE C 150 -14.45 -3.55 7.76
CA ILE C 150 -15.21 -2.30 7.83
C ILE C 150 -16.73 -2.45 7.72
N GLN C 151 -17.19 -3.48 7.02
CA GLN C 151 -18.64 -3.69 6.87
C GLN C 151 -18.97 -5.06 6.30
N LEU C 152 -20.23 -5.47 6.44
CA LEU C 152 -20.68 -6.74 5.87
C LEU C 152 -20.91 -6.28 4.44
N ASP C 153 -20.07 -6.71 3.53
CA ASP C 153 -20.19 -6.25 2.14
C ASP C 153 -21.26 -6.96 1.34
N HIS C 154 -21.37 -8.28 1.50
CA HIS C 154 -22.34 -9.07 0.77
C HIS C 154 -22.22 -10.54 1.16
N CYS C 155 -22.89 -11.39 0.39
CA CYS C 155 -22.86 -12.85 0.57
C CYS C 155 -23.11 -13.45 -0.80
N LEU C 156 -22.61 -14.66 -1.01
CA LEU C 156 -22.78 -15.39 -2.26
C LEU C 156 -23.49 -16.69 -1.89
N LEU C 157 -24.64 -16.93 -2.55
CA LEU C 157 -25.46 -18.09 -2.28
C LEU C 157 -25.48 -19.16 -3.37
N TYR C 158 -25.59 -20.42 -2.95
CA TYR C 158 -25.62 -21.56 -3.87
C TYR C 158 -27.02 -22.14 -3.84
N GLY C 159 -27.65 -22.21 -5.00
CA GLY C 159 -29.00 -22.72 -5.06
C GLY C 159 -29.50 -22.90 -6.48
N PRO C 160 -30.68 -23.50 -6.65
CA PRO C 160 -31.22 -23.71 -8.00
C PRO C 160 -32.13 -22.60 -8.49
N ASN C 161 -32.32 -22.57 -9.81
CA ASN C 161 -33.19 -21.60 -10.48
C ASN C 161 -32.71 -20.15 -10.32
N ILE C 162 -31.44 -19.92 -10.65
CA ILE C 162 -30.86 -18.60 -10.55
C ILE C 162 -31.63 -17.56 -11.36
N ALA C 163 -32.11 -17.98 -12.53
CA ALA C 163 -32.85 -17.10 -13.40
C ALA C 163 -34.07 -16.53 -12.65
N GLU C 164 -34.77 -17.41 -11.94
CA GLU C 164 -35.94 -17.01 -11.17
C GLU C 164 -35.53 -15.95 -10.15
N VAL C 165 -34.53 -16.29 -9.33
CA VAL C 165 -34.03 -15.39 -8.29
C VAL C 165 -33.58 -14.04 -8.88
N GLN C 166 -32.88 -14.08 -10.00
CA GLN C 166 -32.42 -12.84 -10.62
C GLN C 166 -33.63 -11.93 -10.78
N LYS C 167 -34.62 -12.39 -11.53
CA LYS C 167 -35.82 -11.59 -11.75
C LYS C 167 -36.54 -11.06 -10.50
N ILE C 168 -36.55 -11.80 -9.40
CA ILE C 168 -37.20 -11.28 -8.19
C ILE C 168 -36.39 -10.07 -7.75
N PHE C 169 -35.08 -10.24 -7.76
CA PHE C 169 -34.22 -9.15 -7.33
C PHE C 169 -34.28 -7.90 -8.19
N THR C 170 -34.14 -8.03 -9.50
CA THR C 170 -34.15 -6.86 -10.38
C THR C 170 -35.55 -6.34 -10.72
N GLU C 171 -36.56 -7.17 -10.55
CA GLU C 171 -37.91 -6.76 -10.86
C GLU C 171 -38.73 -6.35 -9.63
N VAL C 172 -38.40 -6.91 -8.48
CA VAL C 172 -39.14 -6.57 -7.28
C VAL C 172 -38.36 -5.75 -6.24
N LEU C 173 -37.07 -6.04 -6.07
CA LEU C 173 -36.25 -5.34 -5.08
C LEU C 173 -35.39 -4.18 -5.61
N GLY C 174 -35.51 -3.87 -6.89
CA GLY C 174 -34.75 -2.78 -7.45
C GLY C 174 -33.25 -2.95 -7.40
N PHE C 175 -32.78 -4.17 -7.57
CA PHE C 175 -31.36 -4.46 -7.62
C PHE C 175 -31.08 -4.42 -9.11
N TYR C 176 -29.86 -4.71 -9.53
CA TYR C 176 -29.55 -4.71 -10.96
C TYR C 176 -28.31 -5.55 -11.20
N LEU C 177 -28.16 -6.07 -12.42
CA LEU C 177 -27.05 -6.93 -12.78
C LEU C 177 -25.80 -6.15 -13.12
N VAL C 178 -24.70 -6.50 -12.45
CA VAL C 178 -23.44 -5.83 -12.70
C VAL C 178 -22.57 -6.79 -13.50
N GLU C 179 -22.58 -8.05 -13.10
CA GLU C 179 -21.78 -9.07 -13.78
C GLU C 179 -22.48 -10.42 -13.84
N ARG C 180 -22.19 -11.19 -14.88
CA ARG C 180 -22.76 -12.52 -14.99
C ARG C 180 -21.73 -13.48 -15.52
N VAL C 181 -21.96 -14.75 -15.26
CA VAL C 181 -21.09 -15.81 -15.77
C VAL C 181 -21.99 -16.67 -16.65
N LEU C 182 -21.63 -16.73 -17.92
CA LEU C 182 -22.39 -17.52 -18.89
C LEU C 182 -22.30 -19.00 -18.61
N SER C 183 -23.13 -19.76 -19.30
CA SER C 183 -23.13 -21.21 -19.18
C SER C 183 -22.39 -21.60 -20.45
N PRO C 184 -21.87 -22.83 -20.51
CA PRO C 184 -21.15 -23.26 -21.72
C PRO C 184 -21.87 -22.82 -23.00
N ASP C 185 -23.15 -23.17 -23.11
CA ASP C 185 -23.95 -22.78 -24.25
C ASP C 185 -25.42 -22.97 -23.93
N GLY C 186 -26.29 -22.50 -24.83
CA GLY C 186 -27.71 -22.56 -24.54
C GLY C 186 -27.71 -21.57 -23.41
N ASP C 187 -26.90 -20.53 -23.64
CA ASP C 187 -26.63 -19.44 -22.71
C ASP C 187 -27.70 -18.91 -21.77
N SER C 188 -27.40 -19.11 -20.49
CA SER C 188 -28.20 -18.67 -19.36
C SER C 188 -27.08 -18.28 -18.39
N ASP C 189 -27.41 -17.94 -17.15
CA ASP C 189 -26.38 -17.53 -16.20
C ASP C 189 -26.04 -18.52 -15.11
N MET C 190 -24.84 -19.09 -15.18
CA MET C 190 -24.36 -20.02 -14.16
C MET C 190 -24.08 -19.21 -12.88
N GLY C 191 -23.98 -17.89 -13.02
CA GLY C 191 -23.71 -17.02 -11.89
C GLY C 191 -24.05 -15.56 -12.12
N ILE C 192 -24.59 -14.90 -11.10
CA ILE C 192 -24.96 -13.49 -11.21
C ILE C 192 -24.50 -12.63 -10.02
N TRP C 193 -24.12 -11.39 -10.32
CA TRP C 193 -23.68 -10.47 -9.27
C TRP C 193 -24.59 -9.23 -9.26
N LEU C 194 -25.44 -9.18 -8.24
CA LEU C 194 -26.45 -8.13 -8.08
C LEU C 194 -26.16 -7.01 -7.10
N SER C 195 -26.43 -5.79 -7.55
CA SER C 195 -26.24 -4.59 -6.73
C SER C 195 -27.50 -3.76 -6.56
N CYS C 196 -27.71 -3.27 -5.35
CA CYS C 196 -28.85 -2.43 -5.05
C CYS C 196 -28.29 -1.06 -4.64
N SER C 197 -27.10 -0.73 -5.13
CA SER C 197 -26.45 0.53 -4.76
C SER C 197 -25.39 0.85 -5.83
N HIS C 198 -24.28 1.48 -5.45
CA HIS C 198 -23.26 1.66 -6.47
C HIS C 198 -22.03 0.76 -6.17
N LYS C 199 -22.29 -0.32 -5.44
CA LYS C 199 -21.27 -1.34 -5.10
C LYS C 199 -21.28 -2.41 -6.20
N VAL C 200 -20.12 -2.99 -6.50
CA VAL C 200 -20.09 -4.04 -7.53
C VAL C 200 -21.25 -4.99 -7.21
N HIS C 201 -21.40 -5.38 -5.95
CA HIS C 201 -22.54 -6.22 -5.57
C HIS C 201 -22.84 -6.29 -4.07
N ASP C 202 -24.13 -6.34 -3.74
CA ASP C 202 -24.54 -6.47 -2.35
C ASP C 202 -24.94 -7.94 -2.16
N ILE C 203 -24.93 -8.68 -3.27
CA ILE C 203 -25.30 -10.09 -3.27
C ILE C 203 -25.07 -10.78 -4.64
N ALA C 204 -24.87 -12.09 -4.59
CA ALA C 204 -24.61 -12.86 -5.80
C ALA C 204 -25.06 -14.29 -5.60
N PHE C 205 -25.41 -14.94 -6.69
CA PHE C 205 -25.88 -16.32 -6.68
C PHE C 205 -25.24 -17.17 -7.80
N VAL C 206 -25.00 -18.43 -7.49
CA VAL C 206 -24.46 -19.35 -8.48
C VAL C 206 -25.37 -20.58 -8.53
N GLU C 207 -25.69 -21.02 -9.75
CA GLU C 207 -26.57 -22.17 -9.99
C GLU C 207 -26.09 -23.45 -9.33
N TYR C 208 -26.78 -23.91 -8.30
CA TYR C 208 -26.39 -25.14 -7.61
C TYR C 208 -27.60 -26.05 -7.37
N PRO C 209 -27.41 -27.37 -7.51
CA PRO C 209 -28.48 -28.35 -7.32
C PRO C 209 -29.09 -28.30 -5.92
N GLU C 210 -28.24 -28.29 -4.90
CA GLU C 210 -28.71 -28.23 -3.52
C GLU C 210 -29.23 -26.82 -3.27
N LYS C 211 -30.30 -26.68 -2.52
CA LYS C 211 -30.84 -25.37 -2.25
C LYS C 211 -30.57 -24.90 -0.83
N GLY C 212 -30.53 -23.57 -0.66
CA GLY C 212 -30.28 -22.98 0.64
C GLY C 212 -28.83 -23.04 1.09
N LYS C 213 -27.91 -23.32 0.17
CA LYS C 213 -26.52 -23.43 0.55
C LYS C 213 -25.81 -22.10 0.64
N LEU C 214 -24.88 -22.03 1.57
CA LEU C 214 -24.12 -20.82 1.78
C LEU C 214 -22.71 -21.01 1.26
N HIS C 215 -22.28 -20.20 0.29
CA HIS C 215 -20.92 -20.30 -0.23
C HIS C 215 -20.00 -19.45 0.66
N HIS C 216 -20.39 -18.21 0.92
CA HIS C 216 -19.61 -17.34 1.80
C HIS C 216 -20.21 -15.99 2.08
N CYS C 217 -19.91 -15.46 3.28
CA CYS C 217 -20.30 -14.13 3.69
C CYS C 217 -19.04 -13.26 3.49
N SER C 218 -19.20 -12.05 2.98
CA SER C 218 -18.04 -11.21 2.73
C SER C 218 -17.91 -9.99 3.60
N PHE C 219 -16.66 -9.64 3.93
CA PHE C 219 -16.38 -8.46 4.74
C PHE C 219 -15.39 -7.59 4.01
N LEU C 220 -15.60 -6.29 4.07
CA LEU C 220 -14.76 -5.34 3.36
C LEU C 220 -13.55 -4.87 4.15
N LEU C 221 -12.44 -4.73 3.44
CA LEU C 221 -11.23 -4.28 4.08
C LEU C 221 -10.86 -2.95 3.45
N GLU C 222 -9.85 -2.30 4.02
CA GLU C 222 -9.39 -1.00 3.57
C GLU C 222 -8.39 -0.97 2.42
N SER C 223 -7.56 -1.99 2.29
CA SER C 223 -6.55 -1.94 1.25
C SER C 223 -5.94 -3.28 1.00
N TRP C 224 -5.17 -3.37 -0.09
CA TRP C 224 -4.53 -4.60 -0.48
C TRP C 224 -3.60 -5.07 0.63
N GLU C 225 -3.04 -4.13 1.38
CA GLU C 225 -2.13 -4.49 2.47
C GLU C 225 -2.87 -5.03 3.69
N GLN C 226 -4.13 -4.60 3.89
CA GLN C 226 -4.93 -5.08 5.01
C GLN C 226 -5.35 -6.53 4.73
N VAL C 227 -5.38 -6.92 3.45
CA VAL C 227 -5.76 -8.29 3.11
C VAL C 227 -4.58 -9.19 3.45
N LEU C 228 -3.39 -8.81 3.00
CA LEU C 228 -2.17 -9.55 3.31
C LEU C 228 -2.08 -9.70 4.83
N ARG C 229 -2.47 -8.66 5.55
CA ARG C 229 -2.49 -8.66 7.01
C ARG C 229 -3.52 -9.67 7.50
N ALA C 230 -4.68 -9.74 6.83
CA ALA C 230 -5.71 -10.71 7.18
C ALA C 230 -5.10 -12.09 6.97
N GLY C 231 -4.29 -12.20 5.92
CA GLY C 231 -3.65 -13.47 5.63
C GLY C 231 -2.77 -13.86 6.81
N ASP C 232 -1.85 -12.97 7.17
CA ASP C 232 -0.98 -13.24 8.30
C ASP C 232 -1.76 -13.58 9.59
N ILE C 233 -2.73 -12.76 9.97
CA ILE C 233 -3.49 -13.02 11.18
C ILE C 233 -4.15 -14.39 11.15
N MET C 234 -4.69 -14.78 9.99
CA MET C 234 -5.30 -16.09 9.83
C MET C 234 -4.27 -17.18 10.12
N SER C 235 -3.12 -17.08 9.47
CA SER C 235 -2.07 -18.07 9.69
C SER C 235 -1.70 -18.14 11.18
N MET C 236 -1.42 -16.99 11.79
CA MET C 236 -1.05 -16.94 13.21
C MET C 236 -2.05 -17.65 14.10
N ASN C 237 -3.33 -17.57 13.76
CA ASN C 237 -4.38 -18.20 14.55
C ASN C 237 -4.66 -19.63 14.11
N GLU C 238 -3.93 -20.09 13.11
CA GLU C 238 -4.11 -21.42 12.56
C GLU C 238 -5.50 -21.62 11.98
N VAL C 239 -5.93 -20.67 11.16
CA VAL C 239 -7.23 -20.75 10.50
C VAL C 239 -6.99 -21.35 9.13
N ASN C 240 -7.82 -22.31 8.73
CA ASN C 240 -7.68 -22.92 7.41
C ASN C 240 -8.12 -21.93 6.35
N VAL C 241 -7.21 -21.60 5.43
CA VAL C 241 -7.50 -20.68 4.36
C VAL C 241 -7.82 -21.48 3.10
N ASP C 242 -8.88 -21.05 2.41
CA ASP C 242 -9.35 -21.73 1.20
C ASP C 242 -8.50 -21.36 0.00
N ILE C 243 -8.72 -20.17 -0.55
CA ILE C 243 -7.98 -19.70 -1.71
C ILE C 243 -7.17 -18.49 -1.26
N GLY C 244 -5.85 -18.65 -1.26
CA GLY C 244 -4.92 -17.60 -0.82
C GLY C 244 -5.22 -16.21 -1.33
N PRO C 245 -4.46 -15.19 -0.90
CA PRO C 245 -4.73 -13.82 -1.38
C PRO C 245 -4.52 -13.69 -2.88
N THR C 246 -5.54 -13.20 -3.58
CA THR C 246 -5.42 -13.08 -5.02
C THR C 246 -6.45 -12.13 -5.64
N ARG C 247 -6.27 -11.85 -6.92
CA ARG C 247 -7.18 -11.01 -7.70
C ARG C 247 -8.28 -11.92 -8.25
N HIS C 248 -9.54 -11.52 -8.08
CA HIS C 248 -10.68 -12.33 -8.55
C HIS C 248 -10.90 -12.35 -10.04
N GLY C 249 -11.18 -11.19 -10.61
CA GLY C 249 -11.47 -11.09 -12.02
C GLY C 249 -12.93 -10.69 -12.08
N VAL C 250 -13.81 -11.66 -11.83
CA VAL C 250 -15.22 -11.33 -11.72
C VAL C 250 -15.39 -10.50 -10.42
N THR C 251 -15.50 -9.16 -10.50
CA THR C 251 -15.64 -8.13 -9.44
C THR C 251 -14.33 -7.35 -9.29
N ARG C 252 -13.21 -7.94 -9.69
CA ARG C 252 -11.93 -7.23 -9.58
C ARG C 252 -11.42 -7.27 -8.14
N GLY C 253 -12.28 -7.73 -7.24
CA GLY C 253 -11.92 -7.79 -5.83
C GLY C 253 -10.68 -8.59 -5.49
N CYS C 254 -9.82 -7.98 -4.68
CA CYS C 254 -8.56 -8.60 -4.21
C CYS C 254 -8.99 -9.19 -2.88
N THR C 255 -9.02 -10.52 -2.84
CA THR C 255 -9.55 -11.24 -1.70
C THR C 255 -8.83 -12.49 -1.21
N ILE C 256 -9.32 -12.98 -0.06
CA ILE C 256 -8.86 -14.21 0.57
C ILE C 256 -10.08 -14.87 1.19
N TYR C 257 -10.26 -16.16 0.93
CA TYR C 257 -11.35 -16.93 1.52
C TYR C 257 -10.75 -17.83 2.59
N ALA C 258 -11.36 -17.87 3.75
CA ALA C 258 -10.90 -18.71 4.85
C ALA C 258 -12.12 -19.39 5.43
N TRP C 259 -11.91 -20.35 6.32
CA TRP C 259 -13.03 -21.05 6.92
C TRP C 259 -13.22 -20.79 8.39
N ASP C 260 -14.48 -20.81 8.76
CA ASP C 260 -15.00 -20.64 10.11
C ASP C 260 -14.53 -21.87 10.92
N PRO C 261 -14.44 -21.76 12.26
CA PRO C 261 -14.01 -22.91 13.05
C PRO C 261 -15.08 -24.00 13.01
N SER C 262 -16.13 -23.77 12.21
CA SER C 262 -17.22 -24.72 12.08
C SER C 262 -17.48 -25.08 10.62
N GLY C 263 -16.69 -24.50 9.71
CA GLY C 263 -16.86 -24.80 8.30
C GLY C 263 -17.46 -23.75 7.38
N ASN C 264 -18.06 -22.70 7.93
CA ASN C 264 -18.64 -21.65 7.09
C ASN C 264 -17.54 -20.84 6.40
N ARG C 265 -17.62 -20.69 5.10
CA ARG C 265 -16.61 -19.91 4.41
C ARG C 265 -16.94 -18.42 4.51
N PHE C 266 -15.92 -17.61 4.79
CA PHE C 266 -16.10 -16.17 4.89
C PHE C 266 -15.04 -15.48 4.02
N GLU C 267 -15.20 -14.18 3.79
CA GLU C 267 -14.28 -13.45 2.94
C GLU C 267 -13.88 -12.08 3.50
N THR C 268 -12.65 -11.66 3.18
CA THR C 268 -12.13 -10.33 3.54
C THR C 268 -11.40 -9.87 2.30
N PHE C 269 -11.96 -8.89 1.62
CA PHE C 269 -11.38 -8.38 0.38
C PHE C 269 -11.46 -6.86 0.34
N MET C 270 -11.12 -6.32 -0.83
CA MET C 270 -11.16 -4.89 -1.10
C MET C 270 -11.02 -4.71 -2.61
N GLY C 271 -11.35 -3.51 -3.09
CA GLY C 271 -11.23 -3.24 -4.51
C GLY C 271 -12.47 -3.52 -5.34
N GLY C 272 -12.51 -2.90 -6.51
CA GLY C 272 -13.64 -3.07 -7.41
C GLY C 272 -14.00 -1.71 -7.96
N TYR C 273 -14.72 -1.68 -9.08
CA TYR C 273 -15.11 -0.42 -9.70
C TYR C 273 -16.34 0.18 -9.02
N HIS C 274 -16.95 1.14 -9.71
CA HIS C 274 -18.10 1.85 -9.17
C HIS C 274 -19.26 1.87 -10.16
N PRO C 275 -20.03 0.78 -10.20
CA PRO C 275 -21.16 0.70 -11.11
C PRO C 275 -22.41 1.44 -10.62
N TYR C 276 -23.25 1.81 -11.57
CA TYR C 276 -24.49 2.49 -11.27
C TYR C 276 -25.62 1.84 -12.10
N PRO C 277 -26.89 2.00 -11.68
CA PRO C 277 -28.01 1.40 -12.39
C PRO C 277 -28.10 1.69 -13.90
N ASP C 278 -27.42 2.75 -14.38
CA ASP C 278 -27.49 3.06 -15.81
C ASP C 278 -26.46 2.28 -16.62
N TYR C 279 -25.73 1.41 -15.95
CA TYR C 279 -24.69 0.59 -16.58
C TYR C 279 -25.18 -0.78 -17.04
N GLU C 280 -24.59 -1.25 -18.14
CA GLU C 280 -24.89 -2.56 -18.70
C GLU C 280 -23.94 -3.52 -18.00
N PRO C 281 -24.44 -4.68 -17.56
CA PRO C 281 -23.63 -5.69 -16.88
C PRO C 281 -22.42 -6.18 -17.70
N LEU C 282 -21.40 -6.71 -17.01
CA LEU C 282 -20.20 -7.25 -17.67
C LEU C 282 -20.38 -8.77 -17.82
N SER C 283 -19.80 -9.36 -18.85
CA SER C 283 -19.97 -10.79 -19.03
C SER C 283 -18.68 -11.61 -19.10
N TRP C 284 -18.74 -12.82 -18.54
CA TRP C 284 -17.62 -13.73 -18.55
C TRP C 284 -18.08 -15.04 -19.22
N THR C 285 -17.29 -15.51 -20.20
CA THR C 285 -17.62 -16.74 -20.89
C THR C 285 -17.33 -17.90 -19.92
N TYR C 286 -18.08 -18.98 -20.06
CA TYR C 286 -17.91 -20.14 -19.18
C TYR C 286 -16.48 -20.68 -19.02
N ASP C 287 -15.68 -20.57 -20.07
CA ASP C 287 -14.31 -21.05 -20.01
C ASP C 287 -13.43 -20.39 -18.94
N ASN C 288 -13.60 -19.09 -18.70
CA ASN C 288 -12.81 -18.39 -17.69
C ASN C 288 -13.25 -18.71 -16.27
N PHE C 289 -14.57 -18.83 -16.09
CA PHE C 289 -15.16 -19.14 -14.80
C PHE C 289 -14.60 -20.46 -14.32
N ALA D 2 31.00 -1.65 6.54
CA ALA D 2 31.33 -1.68 5.08
C ALA D 2 30.86 -2.97 4.46
N MET D 3 30.64 -2.92 3.16
CA MET D 3 30.26 -4.07 2.37
C MET D 3 31.54 -4.40 1.61
N THR D 4 32.14 -5.54 1.95
CA THR D 4 33.39 -6.00 1.32
C THR D 4 33.21 -7.39 0.73
N GLY D 5 34.32 -8.02 0.34
CA GLY D 5 34.22 -9.36 -0.24
C GLY D 5 33.17 -9.43 -1.34
N VAL D 6 32.35 -10.47 -1.33
CA VAL D 6 31.30 -10.61 -2.32
C VAL D 6 30.19 -9.62 -1.96
N LEU D 7 29.90 -8.70 -2.86
CA LEU D 7 28.92 -7.66 -2.59
C LEU D 7 27.48 -8.02 -2.87
N ARG D 8 27.20 -8.52 -4.07
CA ARG D 8 25.82 -8.80 -4.44
C ARG D 8 25.73 -9.70 -5.67
N PRO D 9 24.54 -10.27 -5.91
CA PRO D 9 24.34 -11.12 -7.09
C PRO D 9 24.53 -10.17 -8.30
N GLY D 10 25.38 -10.58 -9.24
CA GLY D 10 25.67 -9.75 -10.39
C GLY D 10 24.89 -10.13 -11.64
N HIS D 11 24.80 -11.41 -11.93
CA HIS D 11 24.07 -11.86 -13.10
C HIS D 11 23.75 -13.36 -13.14
N ALA D 12 22.63 -13.67 -13.78
CA ALA D 12 22.18 -15.04 -13.99
C ALA D 12 22.00 -15.14 -15.51
N GLN D 13 22.55 -16.19 -16.12
CA GLN D 13 22.44 -16.39 -17.57
C GLN D 13 21.60 -17.63 -17.79
N VAL D 14 20.34 -17.41 -18.15
CA VAL D 14 19.38 -18.48 -18.32
C VAL D 14 19.24 -18.96 -19.77
N ARG D 15 18.78 -20.20 -19.92
CA ARG D 15 18.55 -20.80 -21.22
C ARG D 15 17.08 -20.72 -21.59
N VAL D 16 16.79 -20.25 -22.81
CA VAL D 16 15.39 -20.19 -23.28
C VAL D 16 15.28 -21.08 -24.52
N LEU D 17 14.08 -21.59 -24.76
CA LEU D 17 13.84 -22.44 -25.91
C LEU D 17 13.64 -21.65 -27.21
N ASN D 18 13.06 -20.45 -27.10
CA ASN D 18 12.79 -19.60 -28.26
C ASN D 18 13.21 -18.15 -27.99
N LEU D 19 14.33 -17.74 -28.55
CA LEU D 19 14.83 -16.40 -28.30
C LEU D 19 13.84 -15.26 -28.46
N GLU D 20 13.22 -15.11 -29.63
CA GLU D 20 12.29 -13.99 -29.80
C GLU D 20 11.23 -13.96 -28.71
N GLU D 21 10.69 -15.12 -28.38
CA GLU D 21 9.68 -15.23 -27.33
C GLU D 21 10.23 -14.82 -25.98
N GLY D 22 11.52 -15.07 -25.75
CA GLY D 22 12.14 -14.71 -24.49
C GLY D 22 12.47 -13.22 -24.40
N ILE D 23 12.91 -12.67 -25.52
CA ILE D 23 13.25 -11.25 -25.61
C ILE D 23 12.00 -10.42 -25.35
N HIS D 24 10.87 -10.83 -25.91
CA HIS D 24 9.64 -10.08 -25.72
C HIS D 24 9.13 -10.23 -24.31
N PHE D 25 9.13 -11.46 -23.82
CA PHE D 25 8.64 -11.70 -22.48
C PHE D 25 9.33 -10.86 -21.43
N TYR D 26 10.66 -10.97 -21.41
CA TYR D 26 11.47 -10.26 -20.44
C TYR D 26 11.50 -8.75 -20.59
N ARG D 27 11.51 -8.29 -21.83
CA ARG D 27 11.55 -6.87 -22.12
C ARG D 27 10.20 -6.20 -21.88
N ASN D 28 9.13 -6.87 -22.26
CA ASN D 28 7.81 -6.28 -22.16
C ASN D 28 6.88 -6.74 -21.05
N VAL D 29 7.09 -7.95 -20.51
CA VAL D 29 6.23 -8.40 -19.41
C VAL D 29 6.91 -8.13 -18.07
N LEU D 30 8.08 -8.74 -17.86
CA LEU D 30 8.84 -8.52 -16.63
C LEU D 30 9.30 -7.07 -16.56
N GLY D 31 9.64 -6.51 -17.71
CA GLY D 31 10.07 -5.14 -17.71
C GLY D 31 11.54 -4.92 -17.46
N LEU D 32 12.37 -5.89 -17.83
CA LEU D 32 13.82 -5.69 -17.69
C LEU D 32 14.18 -4.77 -18.86
N VAL D 33 15.28 -4.05 -18.74
CA VAL D 33 15.74 -3.15 -19.78
C VAL D 33 16.87 -3.82 -20.56
N GLU D 34 16.73 -3.92 -21.87
CA GLU D 34 17.76 -4.56 -22.68
C GLU D 34 18.96 -3.63 -22.86
N THR D 35 20.17 -4.14 -22.63
CA THR D 35 21.37 -3.30 -22.78
C THR D 35 22.27 -3.70 -23.92
N GLY D 36 22.09 -4.93 -24.42
CA GLY D 36 22.91 -5.38 -25.52
C GLY D 36 22.72 -6.82 -25.96
N ARG D 37 23.21 -7.11 -27.15
CA ARG D 37 23.16 -8.45 -27.72
C ARG D 37 24.58 -8.69 -28.23
N ASP D 38 25.08 -9.91 -28.09
CA ASP D 38 26.43 -10.24 -28.56
C ASP D 38 26.41 -11.24 -29.72
N ASP D 39 27.50 -11.27 -30.48
CA ASP D 39 27.60 -12.17 -31.64
C ASP D 39 27.46 -13.65 -31.29
N GLN D 40 27.22 -13.97 -30.03
CA GLN D 40 27.08 -15.36 -29.65
C GLN D 40 25.60 -15.69 -29.51
N GLY D 41 24.77 -14.68 -29.74
CA GLY D 41 23.33 -14.88 -29.67
C GLY D 41 22.64 -14.52 -28.37
N ARG D 42 23.40 -14.19 -27.32
CA ARG D 42 22.79 -13.82 -26.04
C ARG D 42 22.32 -12.39 -26.05
N VAL D 43 21.30 -12.12 -25.25
CA VAL D 43 20.75 -10.77 -25.15
C VAL D 43 20.94 -10.37 -23.69
N TYR D 44 21.47 -9.17 -23.47
CA TYR D 44 21.73 -8.66 -22.13
C TYR D 44 20.62 -7.76 -21.55
N PHE D 45 20.18 -8.12 -20.34
CA PHE D 45 19.12 -7.39 -19.62
C PHE D 45 19.54 -6.96 -18.21
N LYS D 46 19.05 -5.80 -17.77
CA LYS D 46 19.31 -5.31 -16.43
C LYS D 46 18.04 -4.67 -15.87
N CYS D 47 17.89 -4.66 -14.56
CA CYS D 47 16.74 -4.03 -13.93
C CYS D 47 16.92 -2.54 -14.08
N TRP D 48 15.82 -1.84 -14.34
CA TRP D 48 15.89 -0.41 -14.57
C TRP D 48 16.58 0.43 -13.51
N ASP D 49 16.44 0.08 -12.23
CA ASP D 49 17.07 0.94 -11.23
C ASP D 49 18.50 0.56 -10.88
N GLU D 50 18.97 -0.59 -11.37
CA GLU D 50 20.34 -1.00 -11.09
C GLU D 50 21.27 -0.07 -11.88
N ARG D 51 22.57 -0.19 -11.64
CA ARG D 51 23.51 0.67 -12.35
C ARG D 51 24.42 -0.05 -13.34
N ASP D 52 24.62 -1.34 -13.15
CA ASP D 52 25.50 -2.09 -14.04
C ASP D 52 24.81 -2.56 -15.32
N HIS D 53 25.60 -2.85 -16.35
CA HIS D 53 25.12 -3.28 -17.67
C HIS D 53 24.16 -4.47 -17.76
N SER D 54 24.39 -5.54 -16.99
CA SER D 54 23.49 -6.70 -17.02
C SER D 54 23.33 -7.42 -15.70
N CYS D 55 22.22 -8.12 -15.56
CA CYS D 55 21.94 -8.89 -14.37
C CYS D 55 21.19 -10.17 -14.79
N TYR D 56 20.79 -10.22 -16.06
CA TYR D 56 20.08 -11.37 -16.56
C TYR D 56 20.35 -11.51 -18.06
N ILE D 57 20.94 -12.64 -18.43
CA ILE D 57 21.24 -12.87 -19.83
C ILE D 57 20.42 -14.04 -20.36
N ILE D 58 19.88 -13.85 -21.56
CA ILE D 58 19.07 -14.86 -22.24
C ILE D 58 19.88 -15.52 -23.35
N ARG D 59 19.68 -16.83 -23.54
CA ARG D 59 20.41 -17.60 -24.55
C ARG D 59 19.57 -18.78 -25.04
N GLU D 60 19.51 -18.94 -26.35
CA GLU D 60 18.74 -20.03 -26.94
C GLU D 60 19.53 -21.34 -26.84
N ALA D 61 18.80 -22.42 -26.57
CA ALA D 61 19.40 -23.74 -26.44
C ALA D 61 18.29 -24.79 -26.32
N ASP D 62 18.68 -26.06 -26.34
CA ASP D 62 17.77 -27.21 -26.29
C ASP D 62 16.98 -27.42 -25.01
N THR D 63 17.29 -26.67 -23.96
CA THR D 63 16.58 -26.84 -22.69
C THR D 63 16.57 -25.61 -21.81
N ALA D 64 15.58 -25.55 -20.93
CA ALA D 64 15.44 -24.46 -19.98
C ALA D 64 16.37 -24.76 -18.81
N GLY D 65 16.61 -23.75 -17.97
CA GLY D 65 17.47 -23.93 -16.84
C GLY D 65 18.54 -22.86 -16.80
N ILE D 66 19.38 -22.89 -15.79
CA ILE D 66 20.42 -21.91 -15.63
C ILE D 66 21.80 -22.40 -16.08
N ASP D 67 22.53 -21.54 -16.80
CA ASP D 67 23.87 -21.86 -17.28
C ASP D 67 24.78 -21.61 -16.10
N PHE D 68 24.63 -20.43 -15.49
CA PHE D 68 25.43 -20.05 -14.33
C PHE D 68 24.89 -18.82 -13.56
N PHE D 69 25.49 -18.54 -12.41
CA PHE D 69 25.04 -17.41 -11.59
C PHE D 69 26.29 -16.74 -11.04
N GLY D 70 26.46 -15.45 -11.31
CA GLY D 70 27.64 -14.75 -10.83
C GLY D 70 27.42 -13.61 -9.83
N PHE D 71 28.45 -13.29 -9.07
CA PHE D 71 28.38 -12.24 -8.07
C PHE D 71 29.45 -11.22 -8.32
N LYS D 72 29.16 -9.94 -8.08
CA LYS D 72 30.17 -8.89 -8.21
C LYS D 72 30.84 -8.79 -6.84
N VAL D 73 32.15 -8.58 -6.83
CA VAL D 73 32.89 -8.45 -5.58
C VAL D 73 33.36 -7.01 -5.46
N LEU D 74 33.93 -6.68 -4.30
CA LEU D 74 34.36 -5.31 -4.05
C LEU D 74 35.30 -4.73 -5.11
N ASP D 75 36.47 -5.36 -5.28
CA ASP D 75 37.45 -4.90 -6.25
C ASP D 75 38.33 -6.03 -6.78
N LYS D 76 39.16 -5.72 -7.78
CA LYS D 76 40.05 -6.68 -8.41
C LYS D 76 40.96 -7.43 -7.43
N ALA D 77 41.46 -6.72 -6.43
CA ALA D 77 42.31 -7.35 -5.43
C ALA D 77 41.50 -8.47 -4.74
N THR D 78 40.26 -8.15 -4.37
CA THR D 78 39.38 -9.11 -3.69
C THR D 78 39.04 -10.28 -4.61
N LEU D 79 39.13 -10.05 -5.91
CA LEU D 79 38.84 -11.10 -6.87
C LEU D 79 39.94 -12.15 -6.83
N GLU D 80 41.20 -11.71 -6.98
CA GLU D 80 42.32 -12.65 -6.95
C GLU D 80 42.35 -13.36 -5.58
N LYS D 81 42.16 -12.60 -4.51
CA LYS D 81 42.17 -13.16 -3.17
C LYS D 81 41.20 -14.34 -3.04
N LEU D 82 39.95 -14.13 -3.46
CA LEU D 82 38.94 -15.17 -3.40
C LEU D 82 39.24 -16.33 -4.36
N ASP D 83 39.86 -16.02 -5.48
CA ASP D 83 40.22 -17.03 -6.45
C ASP D 83 41.17 -17.98 -5.71
N ALA D 84 42.22 -17.38 -5.14
CA ALA D 84 43.21 -18.14 -4.39
C ALA D 84 42.62 -18.92 -3.21
N ASP D 85 41.69 -18.32 -2.47
CA ASP D 85 41.10 -19.04 -1.34
C ASP D 85 40.24 -20.18 -1.85
N LEU D 86 39.46 -19.93 -2.90
CA LEU D 86 38.61 -20.99 -3.46
C LEU D 86 39.48 -22.17 -3.87
N GLN D 87 40.62 -21.88 -4.49
CA GLN D 87 41.53 -22.94 -4.92
C GLN D 87 42.13 -23.63 -3.69
N ALA D 88 42.62 -22.83 -2.75
CA ALA D 88 43.21 -23.33 -1.52
C ALA D 88 42.22 -24.28 -0.83
N TYR D 89 40.94 -24.03 -1.04
CA TYR D 89 39.91 -24.85 -0.42
C TYR D 89 39.79 -26.21 -1.11
N GLY D 90 40.12 -26.25 -2.41
CA GLY D 90 40.06 -27.50 -3.15
C GLY D 90 39.26 -27.48 -4.45
N LEU D 91 38.82 -26.30 -4.87
CA LEU D 91 38.04 -26.20 -6.08
C LEU D 91 38.91 -25.81 -7.27
N THR D 92 38.59 -26.33 -8.45
CA THR D 92 39.34 -25.97 -9.64
C THR D 92 38.68 -24.73 -10.21
N THR D 93 39.46 -23.68 -10.24
CA THR D 93 39.05 -22.39 -10.71
C THR D 93 39.39 -22.19 -12.17
N THR D 94 38.46 -21.58 -12.91
CA THR D 94 38.65 -21.27 -14.33
C THR D 94 38.50 -19.76 -14.43
N ARG D 95 39.19 -19.15 -15.39
CA ARG D 95 39.10 -17.71 -15.54
C ARG D 95 38.59 -17.27 -16.91
N ILE D 96 37.29 -16.98 -17.01
CA ILE D 96 36.72 -16.51 -18.28
C ILE D 96 37.29 -15.11 -18.55
N PRO D 97 38.05 -14.96 -19.65
CA PRO D 97 38.67 -13.67 -20.02
C PRO D 97 37.73 -12.48 -20.09
N ALA D 98 38.25 -11.29 -19.76
CA ALA D 98 37.44 -10.09 -19.83
C ALA D 98 36.88 -9.95 -21.25
N GLY D 99 35.66 -9.45 -21.36
CA GLY D 99 35.05 -9.26 -22.67
C GLY D 99 34.30 -10.46 -23.22
N GLU D 100 34.50 -11.65 -22.65
CA GLU D 100 33.79 -12.83 -23.14
C GLU D 100 32.31 -12.49 -23.04
N MET D 101 31.97 -11.70 -22.04
CA MET D 101 30.60 -11.21 -21.87
C MET D 101 30.74 -9.73 -22.18
N LEU D 102 29.71 -9.15 -22.79
CA LEU D 102 29.74 -7.73 -23.14
C LEU D 102 29.95 -6.84 -21.93
N GLU D 103 30.74 -5.79 -22.09
CA GLU D 103 30.98 -4.84 -21.01
C GLU D 103 31.34 -5.49 -19.68
N THR D 104 31.89 -6.70 -19.70
CA THR D 104 32.23 -7.35 -18.44
C THR D 104 33.69 -7.78 -18.29
N GLY D 105 34.31 -7.40 -17.16
CA GLY D 105 35.68 -7.79 -16.92
C GLY D 105 35.74 -9.32 -16.81
N GLU D 106 36.92 -9.84 -16.50
CA GLU D 106 37.09 -11.28 -16.39
C GLU D 106 36.41 -11.82 -15.14
N ARG D 107 36.08 -13.09 -15.13
CA ARG D 107 35.44 -13.65 -13.96
C ARG D 107 36.00 -15.01 -13.60
N VAL D 108 36.06 -15.26 -12.29
CA VAL D 108 36.57 -16.50 -11.72
C VAL D 108 35.42 -17.51 -11.62
N ARG D 109 35.48 -18.57 -12.43
CA ARG D 109 34.41 -19.56 -12.40
C ARG D 109 34.80 -20.89 -11.79
N PHE D 110 33.83 -21.53 -11.16
CA PHE D 110 34.02 -22.82 -10.54
C PHE D 110 32.68 -23.56 -10.44
N GLU D 111 32.71 -24.83 -10.06
CA GLU D 111 31.50 -25.63 -9.94
C GLU D 111 31.31 -26.15 -8.53
N LEU D 112 30.08 -26.09 -8.06
CA LEU D 112 29.78 -26.54 -6.70
C LEU D 112 29.41 -28.02 -6.66
N PRO D 113 29.47 -28.62 -5.46
CA PRO D 113 29.13 -30.03 -5.27
C PRO D 113 27.67 -30.32 -5.63
N SER D 114 26.84 -29.28 -5.64
CA SER D 114 25.42 -29.42 -6.02
C SER D 114 25.36 -29.38 -7.53
N GLY D 115 26.51 -29.15 -8.15
CA GLY D 115 26.57 -29.12 -9.60
C GLY D 115 26.17 -27.82 -10.28
N HIS D 116 26.25 -26.70 -9.57
CA HIS D 116 25.90 -25.43 -10.20
C HIS D 116 27.15 -24.64 -10.56
N LEU D 117 27.09 -23.89 -11.65
CA LEU D 117 28.23 -23.07 -12.07
C LEU D 117 28.10 -21.70 -11.42
N ILE D 118 29.13 -21.28 -10.68
CA ILE D 118 29.09 -20.00 -9.99
C ILE D 118 30.25 -19.09 -10.38
N GLU D 119 29.96 -17.80 -10.52
CA GLU D 119 31.00 -16.87 -10.92
C GLU D 119 31.24 -15.70 -9.97
N LEU D 120 32.42 -15.14 -10.11
CA LEU D 120 32.86 -14.01 -9.34
C LEU D 120 33.51 -13.05 -10.33
N TYR D 121 33.11 -11.78 -10.29
CA TYR D 121 33.75 -10.78 -11.14
C TYR D 121 33.85 -9.48 -10.36
N ALA D 122 34.83 -8.66 -10.71
CA ALA D 122 35.01 -7.40 -10.01
C ALA D 122 34.58 -6.20 -10.86
N GLU D 123 34.71 -6.33 -12.17
CA GLU D 123 34.37 -5.23 -13.08
C GLU D 123 33.25 -5.51 -14.06
N LYS D 124 32.41 -4.51 -14.23
CA LYS D 124 31.26 -4.55 -15.13
C LYS D 124 30.84 -3.09 -15.34
N THR D 125 30.53 -2.74 -16.59
CA THR D 125 30.17 -1.37 -16.92
C THR D 125 29.00 -0.82 -16.11
N CYS D 126 29.05 0.48 -15.86
CA CYS D 126 28.03 1.16 -15.10
C CYS D 126 27.26 2.09 -16.01
N VAL D 127 26.31 1.54 -16.76
CA VAL D 127 25.53 2.38 -17.66
C VAL D 127 24.58 3.33 -16.91
N GLY D 128 24.38 3.09 -15.61
CA GLY D 128 23.48 3.94 -14.83
C GLY D 128 22.03 3.50 -14.95
N ASN D 129 21.12 4.26 -14.34
CA ASN D 129 19.70 3.92 -14.36
C ASN D 129 18.80 4.83 -15.21
N GLY D 130 19.38 5.61 -16.11
CA GLY D 130 18.57 6.49 -16.93
C GLY D 130 18.11 7.77 -16.25
N ILE D 131 18.52 7.99 -15.01
CA ILE D 131 18.14 9.20 -14.29
C ILE D 131 19.37 10.08 -14.09
N SER D 132 19.17 11.38 -13.96
CA SER D 132 20.30 12.29 -13.79
C SER D 132 21.07 12.00 -12.52
N GLU D 133 22.33 12.39 -12.50
CA GLU D 133 23.19 12.22 -11.35
C GLU D 133 23.11 13.49 -10.52
N VAL D 134 22.38 14.47 -11.04
CA VAL D 134 22.22 15.74 -10.35
C VAL D 134 20.73 15.96 -10.25
N ASN D 135 20.24 16.13 -9.02
CA ASN D 135 18.82 16.32 -8.78
C ASN D 135 18.00 15.32 -9.59
N PRO D 136 18.19 14.02 -9.31
CA PRO D 136 17.45 12.98 -10.04
C PRO D 136 15.95 13.21 -9.91
N ALA D 137 15.25 13.25 -11.05
CA ALA D 137 13.81 13.50 -11.05
C ALA D 137 13.07 12.58 -10.08
N PRO D 138 11.89 13.00 -9.60
CA PRO D 138 11.05 12.24 -8.67
C PRO D 138 10.30 11.08 -9.30
N TRP D 139 10.06 11.16 -10.61
CA TRP D 139 9.36 10.10 -11.34
C TRP D 139 10.10 9.78 -12.66
N ASN D 140 9.92 8.57 -13.16
CA ASN D 140 10.57 8.13 -14.38
C ASN D 140 9.68 7.08 -15.05
N ALA D 141 9.65 7.08 -16.39
CA ALA D 141 8.79 6.17 -17.15
C ALA D 141 9.12 4.66 -17.17
N GLN D 142 10.38 4.29 -16.93
CA GLN D 142 10.74 2.88 -16.94
C GLN D 142 10.09 2.24 -15.74
N ARG D 143 10.04 3.01 -14.66
CA ARG D 143 9.43 2.56 -13.41
C ARG D 143 8.15 1.77 -13.70
N GLU D 144 7.40 2.19 -14.71
CA GLU D 144 6.13 1.53 -15.02
C GLU D 144 6.04 0.73 -16.33
N HIS D 145 7.19 0.37 -16.92
CA HIS D 145 7.14 -0.41 -18.16
C HIS D 145 7.12 -1.89 -17.80
N GLY D 146 5.96 -2.52 -17.95
CA GLY D 146 5.86 -3.90 -17.57
C GLY D 146 5.97 -3.97 -16.05
N ILE D 147 6.33 -5.14 -15.53
CA ILE D 147 6.45 -5.30 -14.09
C ILE D 147 7.56 -4.40 -13.56
N ALA D 148 8.65 -4.27 -14.31
CA ALA D 148 9.81 -3.43 -13.95
C ALA D 148 10.33 -3.58 -12.52
N PRO D 149 11.06 -4.67 -12.23
CA PRO D 149 11.61 -4.89 -10.90
C PRO D 149 12.84 -4.01 -10.69
N ILE D 150 13.18 -3.77 -9.41
CA ILE D 150 14.30 -2.93 -9.06
C ILE D 150 15.73 -3.55 -9.09
N GLN D 151 15.85 -4.85 -8.86
CA GLN D 151 17.18 -5.50 -8.86
C GLN D 151 17.09 -7.02 -8.92
N LEU D 152 18.16 -7.67 -9.39
CA LEU D 152 18.18 -9.13 -9.37
C LEU D 152 18.45 -9.33 -7.89
N ASP D 153 17.50 -9.92 -7.18
CA ASP D 153 17.66 -10.11 -5.73
C ASP D 153 18.41 -11.36 -5.34
N HIS D 154 18.11 -12.49 -5.98
CA HIS D 154 18.78 -13.73 -5.64
C HIS D 154 18.31 -14.83 -6.56
N CYS D 155 18.65 -16.07 -6.22
CA CYS D 155 18.20 -17.23 -6.96
C CYS D 155 18.14 -18.36 -5.93
N LEU D 156 17.34 -19.37 -6.19
CA LEU D 156 17.25 -20.52 -5.30
C LEU D 156 17.60 -21.72 -6.17
N LEU D 157 18.59 -22.51 -5.73
CA LEU D 157 19.07 -23.67 -6.49
C LEU D 157 18.81 -25.03 -5.84
N TYR D 158 18.46 -26.00 -6.69
CA TYR D 158 18.19 -27.39 -6.33
C TYR D 158 19.41 -28.22 -6.68
N GLY D 159 20.02 -28.85 -5.66
CA GLY D 159 21.20 -29.65 -5.89
C GLY D 159 21.44 -30.64 -4.75
N PRO D 160 22.29 -31.66 -4.99
CA PRO D 160 22.62 -32.70 -4.01
C PRO D 160 23.43 -32.42 -2.73
N ASN D 161 24.64 -31.91 -2.83
CA ASN D 161 25.42 -31.75 -1.60
C ASN D 161 25.39 -30.39 -0.92
N ILE D 162 24.21 -30.02 -0.40
CA ILE D 162 24.03 -28.72 0.24
C ILE D 162 24.99 -28.38 1.39
N ALA D 163 25.35 -29.34 2.23
CA ALA D 163 26.28 -29.08 3.33
C ALA D 163 27.62 -28.57 2.81
N GLU D 164 28.22 -29.30 1.86
CA GLU D 164 29.49 -28.89 1.27
C GLU D 164 29.26 -27.52 0.63
N VAL D 165 28.07 -27.32 0.08
CA VAL D 165 27.71 -26.05 -0.55
C VAL D 165 27.87 -24.90 0.45
N GLN D 166 27.19 -25.01 1.59
CA GLN D 166 27.23 -23.99 2.63
C GLN D 166 28.62 -23.67 3.17
N LYS D 167 29.40 -24.70 3.48
CA LYS D 167 30.75 -24.49 3.98
C LYS D 167 31.52 -23.62 2.97
N ILE D 168 31.41 -23.94 1.69
CA ILE D 168 32.09 -23.14 0.68
C ILE D 168 31.69 -21.64 0.78
N PHE D 169 30.39 -21.38 0.81
CA PHE D 169 29.90 -20.02 0.89
C PHE D 169 30.17 -19.27 2.20
N THR D 170 30.11 -19.96 3.33
CA THR D 170 30.35 -19.32 4.62
C THR D 170 31.83 -19.33 5.03
N GLU D 171 32.55 -20.38 4.63
CA GLU D 171 33.96 -20.48 5.01
C GLU D 171 34.90 -19.83 4.02
N VAL D 172 34.46 -19.66 2.78
CA VAL D 172 35.33 -19.08 1.77
C VAL D 172 34.80 -17.76 1.21
N LEU D 173 33.53 -17.75 0.80
CA LEU D 173 32.93 -16.54 0.22
C LEU D 173 32.40 -15.49 1.20
N GLY D 174 32.49 -15.75 2.50
CA GLY D 174 32.04 -14.77 3.46
C GLY D 174 30.54 -14.52 3.56
N PHE D 175 29.74 -15.55 3.37
CA PHE D 175 28.30 -15.44 3.48
C PHE D 175 27.98 -15.97 4.86
N TYR D 176 26.74 -15.80 5.30
CA TYR D 176 26.36 -16.35 6.59
C TYR D 176 24.96 -16.96 6.46
N LEU D 177 24.66 -17.97 7.25
CA LEU D 177 23.35 -18.61 7.18
C LEU D 177 22.34 -17.70 7.87
N VAL D 178 21.27 -17.34 7.19
CA VAL D 178 20.24 -16.48 7.78
C VAL D 178 19.05 -17.33 8.16
N GLU D 179 18.69 -18.26 7.28
CA GLU D 179 17.58 -19.16 7.55
C GLU D 179 17.86 -20.55 7.02
N ARG D 180 17.30 -21.56 7.68
CA ARG D 180 17.50 -22.92 7.26
C ARG D 180 16.29 -23.80 7.60
N VAL D 181 16.12 -24.86 6.83
CA VAL D 181 15.04 -25.82 7.03
C VAL D 181 15.69 -27.11 7.50
N LEU D 182 15.44 -27.47 8.76
CA LEU D 182 15.99 -28.68 9.37
C LEU D 182 15.50 -29.96 8.71
N SER D 183 16.37 -30.97 8.62
CA SER D 183 16.01 -32.26 8.01
C SER D 183 14.89 -32.93 8.78
N PRO D 184 14.11 -33.81 8.10
CA PRO D 184 13.00 -34.51 8.76
C PRO D 184 13.53 -35.12 10.05
N ASP D 185 14.73 -35.69 9.99
CA ASP D 185 15.35 -36.27 11.16
C ASP D 185 16.78 -36.73 10.97
N GLY D 186 17.43 -36.31 12.02
CA GLY D 186 18.77 -36.38 12.33
C GLY D 186 19.65 -35.32 11.76
N ASP D 187 19.37 -34.38 10.94
CA ASP D 187 20.75 -34.09 10.71
C ASP D 187 20.98 -32.95 9.87
N SER D 188 20.57 -33.00 8.69
CA SER D 188 21.07 -31.73 8.34
C SER D 188 20.11 -30.75 7.84
N ASP D 189 20.69 -29.80 7.17
CA ASP D 189 19.70 -28.82 6.70
C ASP D 189 19.21 -29.24 5.30
N MET D 190 17.88 -29.20 5.11
CA MET D 190 17.30 -29.58 3.83
C MET D 190 17.12 -28.37 2.92
N GLY D 191 17.43 -27.20 3.47
CA GLY D 191 17.33 -25.96 2.73
C GLY D 191 18.08 -24.87 3.47
N ILE D 192 18.86 -24.09 2.75
CA ILE D 192 19.61 -22.99 3.38
C ILE D 192 19.49 -21.67 2.59
N TRP D 193 19.26 -20.59 3.33
CA TRP D 193 19.17 -19.25 2.76
C TRP D 193 20.43 -18.50 3.21
N LEU D 194 21.28 -18.16 2.24
CA LEU D 194 22.56 -17.50 2.52
C LEU D 194 22.70 -16.01 2.12
N SER D 195 23.23 -15.21 3.04
CA SER D 195 23.41 -13.77 2.78
C SER D 195 24.86 -13.32 2.83
N CYS D 196 25.25 -12.44 1.91
CA CYS D 196 26.59 -11.90 1.89
C CYS D 196 26.49 -10.38 2.18
N SER D 197 25.40 -9.98 2.84
CA SER D 197 25.14 -8.57 3.10
C SER D 197 24.20 -8.40 4.30
N HIS D 198 23.15 -7.58 4.13
CA HIS D 198 22.17 -7.46 5.20
C HIS D 198 20.76 -7.71 4.67
N LYS D 199 20.69 -8.37 3.51
CA LYS D 199 19.43 -8.78 2.90
C LYS D 199 19.10 -10.16 3.52
N VAL D 200 17.84 -10.56 3.50
CA VAL D 200 17.47 -11.86 4.07
C VAL D 200 18.31 -12.96 3.42
N HIS D 201 18.63 -12.78 2.13
CA HIS D 201 19.49 -13.70 1.42
C HIS D 201 19.83 -13.28 -0.01
N ASP D 202 21.01 -13.67 -0.44
CA ASP D 202 21.51 -13.38 -1.78
C ASP D 202 21.48 -14.61 -2.71
N ILE D 203 21.30 -15.79 -2.10
CA ILE D 203 21.24 -17.05 -2.82
C ILE D 203 20.73 -18.09 -1.82
N ALA D 204 20.04 -19.13 -2.29
CA ALA D 204 19.55 -20.18 -1.38
C ALA D 204 19.68 -21.52 -2.08
N PHE D 205 19.88 -22.59 -1.30
CA PHE D 205 20.03 -23.93 -1.87
C PHE D 205 19.12 -24.90 -1.13
N VAL D 206 18.46 -25.78 -1.87
CA VAL D 206 17.59 -26.77 -1.27
C VAL D 206 18.13 -28.13 -1.68
N GLU D 207 18.06 -29.09 -0.77
CA GLU D 207 18.55 -30.46 -1.01
C GLU D 207 17.74 -31.22 -2.08
N TYR D 208 18.43 -31.79 -3.07
CA TYR D 208 17.75 -32.50 -4.14
C TYR D 208 18.73 -33.42 -4.88
N PRO D 209 18.25 -34.54 -5.44
CA PRO D 209 19.17 -35.45 -6.15
C PRO D 209 19.67 -34.87 -7.47
N GLU D 210 18.74 -34.52 -8.35
CA GLU D 210 19.12 -33.96 -9.64
C GLU D 210 20.10 -32.79 -9.43
N LYS D 211 21.30 -32.94 -9.96
CA LYS D 211 22.36 -31.95 -9.88
C LYS D 211 22.15 -30.71 -10.80
N GLY D 212 22.53 -29.53 -10.31
CA GLY D 212 22.42 -28.30 -11.09
C GLY D 212 21.07 -27.75 -11.57
N LYS D 213 19.99 -28.04 -10.85
CA LYS D 213 18.67 -27.58 -11.28
C LYS D 213 18.36 -26.18 -10.73
N LEU D 214 17.70 -25.37 -11.54
CA LEU D 214 17.33 -24.01 -11.15
C LEU D 214 15.89 -24.00 -10.64
N HIS D 215 15.68 -23.49 -9.43
CA HIS D 215 14.32 -23.40 -8.95
C HIS D 215 13.81 -22.05 -9.42
N HIS D 216 14.53 -20.98 -9.10
CA HIS D 216 14.09 -19.67 -9.55
C HIS D 216 15.09 -18.56 -9.35
N CYS D 217 14.94 -17.50 -10.16
CA CYS D 217 15.75 -16.29 -10.07
C CYS D 217 14.76 -15.24 -9.59
N SER D 218 15.18 -14.43 -8.63
CA SER D 218 14.26 -13.48 -8.07
C SER D 218 14.54 -12.02 -8.26
N PHE D 219 13.46 -11.29 -8.48
CA PHE D 219 13.50 -9.86 -8.68
C PHE D 219 12.68 -9.16 -7.59
N LEU D 220 13.30 -8.17 -6.95
CA LEU D 220 12.68 -7.40 -5.89
C LEU D 220 11.78 -6.31 -6.46
N LEU D 221 10.64 -6.10 -5.80
CA LEU D 221 9.69 -5.10 -6.21
C LEU D 221 9.64 -4.07 -5.09
N GLU D 222 8.97 -2.94 -5.32
CA GLU D 222 8.91 -1.91 -4.29
C GLU D 222 7.82 -2.00 -3.23
N SER D 223 6.74 -2.73 -3.48
CA SER D 223 5.69 -2.80 -2.48
C SER D 223 4.79 -3.99 -2.70
N TRP D 224 3.91 -4.26 -1.74
CA TRP D 224 2.97 -5.37 -1.84
C TRP D 224 2.07 -5.11 -3.02
N GLU D 225 1.63 -3.86 -3.15
CA GLU D 225 0.76 -3.47 -4.26
C GLU D 225 1.41 -3.72 -5.62
N GLN D 226 2.72 -3.48 -5.74
CA GLN D 226 3.37 -3.76 -7.02
C GLN D 226 3.37 -5.28 -7.22
N VAL D 227 3.18 -6.06 -6.16
CA VAL D 227 3.15 -7.50 -6.37
C VAL D 227 1.79 -7.87 -6.96
N LEU D 228 0.72 -7.33 -6.38
CA LEU D 228 -0.63 -7.55 -6.92
C LEU D 228 -0.59 -7.11 -8.40
N ARG D 229 0.01 -5.96 -8.68
CA ARG D 229 0.14 -5.42 -10.03
C ARG D 229 0.87 -6.34 -11.00
N ALA D 230 1.96 -6.97 -10.53
CA ALA D 230 2.76 -7.87 -11.34
C ALA D 230 1.89 -9.08 -11.63
N GLY D 231 0.96 -9.32 -10.73
CA GLY D 231 0.05 -10.43 -10.91
C GLY D 231 -0.91 -10.12 -12.04
N ASP D 232 -1.48 -8.92 -12.02
CA ASP D 232 -2.42 -8.50 -13.06
C ASP D 232 -1.72 -8.53 -14.42
N ILE D 233 -0.51 -8.01 -14.47
CA ILE D 233 0.26 -8.01 -15.71
C ILE D 233 0.58 -9.46 -16.14
N MET D 234 0.67 -10.38 -15.17
CA MET D 234 0.94 -11.76 -15.54
C MET D 234 -0.25 -12.40 -16.26
N SER D 235 -1.45 -12.09 -15.79
CA SER D 235 -2.67 -12.61 -16.41
C SER D 235 -2.90 -11.96 -17.78
N MET D 236 -2.82 -10.64 -17.84
CA MET D 236 -3.01 -9.92 -19.09
C MET D 236 -2.15 -10.54 -20.17
N ASN D 237 -0.95 -10.98 -19.80
CA ASN D 237 -0.05 -11.58 -20.79
C ASN D 237 -0.11 -13.12 -20.81
N GLU D 238 -1.15 -13.68 -20.21
CA GLU D 238 -1.37 -15.12 -20.13
C GLU D 238 -0.14 -15.89 -19.66
N VAL D 239 0.61 -15.31 -18.73
CA VAL D 239 1.80 -15.92 -18.16
C VAL D 239 1.43 -17.03 -17.17
N ASN D 240 1.87 -18.26 -17.41
CA ASN D 240 1.55 -19.33 -16.47
C ASN D 240 2.08 -18.99 -15.07
N VAL D 241 1.18 -18.89 -14.09
CA VAL D 241 1.58 -18.59 -12.73
C VAL D 241 1.74 -19.85 -11.90
N ASP D 242 2.80 -19.92 -11.11
CA ASP D 242 3.02 -21.07 -10.26
C ASP D 242 2.20 -20.86 -9.00
N ILE D 243 2.60 -19.92 -8.16
CA ILE D 243 1.86 -19.65 -6.93
C ILE D 243 1.53 -18.17 -6.83
N GLY D 244 0.24 -17.86 -6.97
CA GLY D 244 -0.24 -16.48 -6.91
C GLY D 244 0.31 -15.73 -5.73
N PRO D 245 0.04 -14.42 -5.62
CA PRO D 245 0.54 -13.60 -4.50
C PRO D 245 0.28 -14.20 -3.12
N THR D 246 1.33 -14.29 -2.31
CA THR D 246 1.22 -14.86 -0.99
C THR D 246 2.48 -14.57 -0.16
N ARG D 247 2.44 -14.96 1.11
CA ARG D 247 3.57 -14.74 1.99
C ARG D 247 4.40 -16.02 2.05
N HIS D 248 5.70 -15.86 2.28
CA HIS D 248 6.64 -16.95 2.40
C HIS D 248 6.99 -17.02 3.87
N GLY D 249 6.71 -18.14 4.54
CA GLY D 249 7.06 -18.23 5.94
C GLY D 249 8.55 -17.96 5.98
N VAL D 250 9.28 -18.81 5.27
CA VAL D 250 10.73 -18.71 5.15
C VAL D 250 11.01 -17.42 4.37
N THR D 251 11.66 -16.46 5.02
CA THR D 251 12.00 -15.17 4.38
C THR D 251 10.98 -14.04 4.65
N ARG D 252 9.71 -14.42 4.83
CA ARG D 252 8.63 -13.47 5.08
C ARG D 252 8.30 -12.72 3.81
N GLY D 253 8.86 -13.18 2.70
CA GLY D 253 8.63 -12.52 1.43
C GLY D 253 7.20 -12.63 0.92
N CYS D 254 6.68 -11.52 0.40
CA CYS D 254 5.34 -11.46 -0.17
C CYS D 254 5.67 -11.58 -1.65
N THR D 255 5.32 -12.73 -2.21
CA THR D 255 5.75 -13.09 -3.55
C THR D 255 4.78 -13.75 -4.53
N ILE D 256 5.23 -13.87 -5.77
CA ILE D 256 4.48 -14.53 -6.82
C ILE D 256 5.50 -15.32 -7.61
N TYR D 257 5.22 -16.61 -7.81
CA TYR D 257 6.10 -17.48 -8.58
C TYR D 257 5.40 -17.66 -9.92
N ALA D 258 6.11 -17.41 -11.00
CA ALA D 258 5.54 -17.56 -12.32
C ALA D 258 6.55 -18.24 -13.24
N TRP D 259 6.08 -18.66 -14.41
CA TRP D 259 6.95 -19.30 -15.36
C TRP D 259 7.25 -18.49 -16.61
N ASP D 260 8.41 -18.78 -17.15
CA ASP D 260 8.95 -18.18 -18.36
C ASP D 260 8.22 -18.83 -19.53
N PRO D 261 8.39 -18.31 -20.75
CA PRO D 261 7.68 -19.00 -21.84
C PRO D 261 8.39 -20.36 -22.04
N SER D 262 9.61 -20.46 -21.51
CA SER D 262 10.42 -21.68 -21.63
C SER D 262 10.44 -22.61 -20.43
N GLY D 263 9.71 -22.27 -19.38
CA GLY D 263 9.69 -23.12 -18.20
C GLY D 263 10.49 -22.62 -16.99
N ASN D 264 11.41 -21.67 -17.23
CA ASN D 264 12.21 -21.13 -16.14
C ASN D 264 11.33 -20.38 -15.15
N ARG D 265 11.38 -20.78 -13.89
CA ARG D 265 10.59 -20.09 -12.88
C ARG D 265 11.33 -18.83 -12.44
N PHE D 266 10.59 -17.73 -12.32
CA PHE D 266 11.17 -16.48 -11.84
C PHE D 266 10.26 -15.97 -10.71
N GLU D 267 10.74 -14.99 -9.96
CA GLU D 267 9.95 -14.45 -8.87
C GLU D 267 10.01 -12.94 -8.73
N THR D 268 8.87 -12.37 -8.36
CA THR D 268 8.75 -10.94 -8.11
C THR D 268 8.14 -10.87 -6.70
N PHE D 269 8.93 -10.41 -5.73
CA PHE D 269 8.45 -10.33 -4.36
C PHE D 269 8.92 -9.03 -3.72
N MET D 270 8.64 -8.90 -2.45
CA MET D 270 9.07 -7.77 -1.66
C MET D 270 8.83 -8.15 -0.21
N GLY D 271 9.55 -7.51 0.71
CA GLY D 271 9.36 -7.83 2.11
C GLY D 271 10.51 -8.65 2.67
N GLY D 272 10.65 -8.60 3.99
CA GLY D 272 11.71 -9.33 4.67
C GLY D 272 12.37 -8.49 5.74
N TYR D 273 12.94 -9.13 6.75
CA TYR D 273 13.59 -8.40 7.81
C TYR D 273 14.99 -7.94 7.36
N HIS D 274 15.84 -7.52 8.30
CA HIS D 274 17.18 -7.00 7.99
C HIS D 274 18.27 -7.65 8.82
N PRO D 275 18.69 -8.85 8.44
CA PRO D 275 19.72 -9.56 9.21
C PRO D 275 21.12 -9.04 8.98
N TYR D 276 21.99 -9.29 9.95
CA TYR D 276 23.37 -8.88 9.90
C TYR D 276 24.27 -10.06 10.28
N PRO D 277 25.56 -10.03 9.91
CA PRO D 277 26.51 -11.11 10.21
C PRO D 277 26.64 -11.54 11.68
N ASP D 278 26.17 -10.74 12.63
CA ASP D 278 26.27 -11.13 14.03
C ASP D 278 25.00 -11.84 14.50
N TYR D 279 24.09 -12.11 13.56
CA TYR D 279 22.84 -12.76 13.89
C TYR D 279 22.85 -14.27 13.78
N GLU D 280 22.11 -14.89 14.68
CA GLU D 280 21.96 -16.34 14.66
C GLU D 280 20.85 -16.60 13.63
N PRO D 281 20.95 -17.71 12.87
CA PRO D 281 19.93 -18.01 11.87
C PRO D 281 18.59 -18.44 12.46
N LEU D 282 17.54 -18.37 11.65
CA LEU D 282 16.21 -18.81 12.08
C LEU D 282 16.08 -20.20 11.44
N SER D 283 15.31 -21.08 12.07
CA SER D 283 15.15 -22.44 11.56
C SER D 283 13.68 -22.84 11.50
N TRP D 284 13.36 -23.64 10.48
CA TRP D 284 12.01 -24.15 10.29
C TRP D 284 12.05 -25.68 10.34
N THR D 285 11.08 -26.28 11.04
CA THR D 285 11.01 -27.73 11.14
C THR D 285 10.63 -28.27 9.76
N TYR D 286 11.19 -29.41 9.39
CA TYR D 286 10.91 -29.99 8.08
C TYR D 286 9.42 -30.12 7.77
N ASP D 287 8.60 -30.49 8.75
CA ASP D 287 7.18 -30.63 8.48
C ASP D 287 6.52 -29.30 8.11
N ASN D 288 7.15 -28.18 8.45
CA ASN D 288 6.61 -26.88 8.12
C ASN D 288 7.12 -26.38 6.78
N PHE D 289 8.15 -27.04 6.26
CA PHE D 289 8.76 -26.66 4.98
C PHE D 289 7.91 -27.12 3.79
FE FE2 E . 16.47 10.97 7.79
FE FE2 F . -12.52 17.19 -1.87
FE FE2 G . -17.49 -12.44 -2.37
FE FE2 H . 13.00 -16.41 -3.72
#